data_3ZR6
#
_entry.id   3ZR6
#
_cell.length_a   249.548
_cell.length_b   249.548
_cell.length_c   77.456
_cell.angle_alpha   90.00
_cell.angle_beta   90.00
_cell.angle_gamma   120.00
#
_symmetry.space_group_name_H-M   'H 3 2'
#
loop_
_entity.id
_entity.type
_entity.pdbx_description
1 polymer GALACTOCEREBROSIDASE
2 branched 2-acetamido-2-deoxy-beta-D-glucopyranose-(1-4)-2-acetamido-2-deoxy-beta-D-glucopyranose
3 branched beta-D-mannopyranose-(1-4)-2-acetamido-2-deoxy-beta-D-glucopyranose-(1-4)-2-acetamido-2-deoxy-beta-D-glucopyranose
4 non-polymer 2-acetamido-2-deoxy-beta-D-glucopyranose
5 non-polymer beta-D-galactopyranose
6 non-polymer 'CALCIUM ION'
7 water water
#
_entity_poly.entity_id   1
_entity_poly.type   'polypeptide(L)'
_entity_poly.pdbx_seq_one_letter_code
;HHHHHHIEGHIGGAYVLDDSDGLGREFDGIGAVSGGGATSRLLVNYPEPYRSEILDYLFKPNFGASLHILKVEIGGDGQT
TDGTEPSHMHYELDENYFRGYEWWLMKEAKKRNPDIILMGLPWSFPGWLGKGFSWPYVNLQLTAYYVVRWILGAKHYHDL
DIDYIGIWNERPFDANYIKELRKMLDYQGLQRVRIIASDNLWEPISSSLLLDQELWKVVDVIGAHYPGTYTVWNAKMSGK
KLWSSEDFSTINSNVGAGCWSRILNQNYINGNMTSTIAWNLVASYYEELPYGRSGLMTAQEPWSGHYVVASPIWVSAHTT
QFTQPGWYYLKTVGHLEKGGSYVALTDGLGNLTIIIETMSHQHSMCIRPYLPYYNVSHQLATFTLKGSLREIQELQVWYT
KLGTPQQRLHFKQLDTLWLLDGSGSFTLELEEDEIFTLTTLTTGRKGSYPPPPSSKPFPTNYKDDFNVEYPLFSEAPNFA
DQTGVFEYYMNNEDREHRFTLRQVLNQRPITWAADASSTISVIGDHHWTNMTVQCDVYIETPRSGGVFIAGRVNKGGILI
RSATGVFFWIFANGSYRVTADLGGWITYASGHADVTAKRWYTLTLGIKGYFAFGMLNGTILWKNVRVKYPGHGWAAIGTH
TFEFAQFDNFRVEAAR
;
_entity_poly.pdbx_strand_id   A
#
loop_
_chem_comp.id
_chem_comp.type
_chem_comp.name
_chem_comp.formula
BMA D-saccharide, beta linking beta-D-mannopyranose 'C6 H12 O6'
CA non-polymer 'CALCIUM ION' 'Ca 2'
GAL D-saccharide, beta linking beta-D-galactopyranose 'C6 H12 O6'
NAG D-saccharide, beta linking 2-acetamido-2-deoxy-beta-D-glucopyranose 'C8 H15 N O6'
#
# COMPACT_ATOMS: atom_id res chain seq x y z
N GLY A 13 -23.00 13.84 -29.43
CA GLY A 13 -23.15 15.10 -30.13
C GLY A 13 -23.45 16.22 -29.16
N ALA A 14 -24.71 16.31 -28.73
CA ALA A 14 -25.05 17.10 -27.54
C ALA A 14 -25.36 16.11 -26.40
N TYR A 15 -24.90 16.43 -25.19
CA TYR A 15 -25.16 15.61 -23.99
C TYR A 15 -25.86 16.47 -22.93
N VAL A 16 -26.97 16.01 -22.41
CA VAL A 16 -27.66 16.81 -21.40
C VAL A 16 -27.22 16.48 -19.97
N LEU A 17 -26.93 17.52 -19.19
CA LEU A 17 -26.70 17.38 -17.76
C LEU A 17 -27.87 18.01 -17.02
N ASP A 18 -28.58 17.22 -16.22
CA ASP A 18 -29.81 17.68 -15.57
C ASP A 18 -30.06 17.02 -14.19
N ASP A 19 -30.85 17.68 -13.34
CA ASP A 19 -31.18 17.13 -12.03
C ASP A 19 -32.66 17.25 -11.67
N SER A 20 -33.47 17.78 -12.59
CA SER A 20 -34.89 17.97 -12.31
C SER A 20 -35.56 16.61 -12.24
N ASP A 21 -34.94 15.63 -12.88
CA ASP A 21 -35.43 14.25 -12.88
C ASP A 21 -34.92 13.42 -11.68
N GLY A 22 -34.11 14.03 -10.82
CA GLY A 22 -33.56 13.33 -9.67
C GLY A 22 -32.04 13.16 -9.70
N LEU A 23 -31.50 12.47 -8.71
CA LEU A 23 -30.05 12.37 -8.61
C LEU A 23 -29.60 10.93 -8.70
N GLY A 24 -28.35 10.75 -9.13
CA GLY A 24 -27.73 9.43 -9.14
C GLY A 24 -27.42 8.97 -7.72
N ARG A 25 -26.42 8.11 -7.60
CA ARG A 25 -26.00 7.61 -6.29
C ARG A 25 -25.10 8.59 -5.54
N GLU A 26 -25.12 8.51 -4.21
CA GLU A 26 -24.21 9.32 -3.40
C GLU A 26 -22.74 8.95 -3.63
N PHE A 27 -21.91 9.96 -3.78
CA PHE A 27 -20.47 9.80 -3.96
C PHE A 27 -19.84 9.54 -2.60
N ASP A 28 -18.94 8.56 -2.52
CA ASP A 28 -18.35 8.16 -1.24
C ASP A 28 -16.88 8.55 -1.03
N GLY A 29 -16.16 8.88 -2.10
CA GLY A 29 -14.79 9.34 -1.99
C GLY A 29 -13.78 8.59 -2.84
N ILE A 30 -12.66 9.24 -3.14
CA ILE A 30 -11.52 8.58 -3.74
C ILE A 30 -10.43 8.41 -2.68
N GLY A 31 -9.78 7.24 -2.70
CA GLY A 31 -8.77 6.95 -1.70
C GLY A 31 -7.65 6.08 -2.19
N ALA A 32 -6.82 5.63 -1.25
CA ALA A 32 -5.67 4.81 -1.58
C ALA A 32 -5.29 3.94 -0.40
N VAL A 33 -4.50 2.89 -0.67
CA VAL A 33 -4.13 1.93 0.35
C VAL A 33 -2.67 2.10 0.77
N SER A 34 -2.46 2.17 2.09
CA SER A 34 -1.13 1.93 2.64
C SER A 34 -1.12 0.54 3.23
N GLY A 35 -0.38 -0.36 2.59
CA GLY A 35 -0.31 -1.72 3.07
C GLY A 35 -0.62 -2.76 2.03
N GLY A 36 -0.49 -4.03 2.41
CA GLY A 36 -0.47 -5.09 1.45
C GLY A 36 0.58 -4.88 0.38
N GLY A 37 1.86 -4.80 0.75
CA GLY A 37 2.31 -4.88 2.14
C GLY A 37 3.61 -4.12 2.26
N ALA A 38 3.69 -3.28 3.31
CA ALA A 38 4.87 -2.47 3.59
C ALA A 38 5.16 -1.46 2.45
N THR A 39 4.08 -0.93 1.88
CA THR A 39 4.22 -0.01 0.75
C THR A 39 4.72 1.35 1.21
N SER A 40 4.46 1.69 2.46
CA SER A 40 4.91 2.95 3.03
C SER A 40 6.21 2.81 3.84
N ARG A 41 6.86 1.65 3.72
CA ARG A 41 8.03 1.31 4.53
C ARG A 41 9.11 2.42 4.59
N LEU A 42 9.42 3.01 3.43
CA LEU A 42 10.57 3.90 3.28
C LEU A 42 10.18 5.35 3.37
N LEU A 43 8.95 5.61 3.75
CA LEU A 43 8.51 6.97 3.90
C LEU A 43 8.82 7.51 5.30
N VAL A 44 8.84 6.65 6.31
CA VAL A 44 8.99 7.08 7.71
C VAL A 44 10.32 7.78 8.07
N ASN A 45 11.40 7.39 7.38
CA ASN A 45 12.72 7.99 7.59
C ASN A 45 13.15 9.05 6.55
N TYR A 46 12.18 9.63 5.85
CA TYR A 46 12.46 10.82 5.08
C TYR A 46 12.86 11.99 5.98
N PRO A 47 13.92 12.71 5.60
CA PRO A 47 14.22 13.92 6.37
C PRO A 47 13.13 14.96 6.15
N GLU A 48 13.00 15.89 7.08
CA GLU A 48 12.17 17.04 6.81
C GLU A 48 12.97 18.03 5.96
N PRO A 49 12.27 18.87 5.20
CA PRO A 49 10.80 18.94 5.20
C PRO A 49 10.13 17.95 4.23
N TYR A 50 10.94 17.25 3.43
CA TYR A 50 10.43 16.36 2.36
C TYR A 50 9.32 15.41 2.80
N ARG A 51 9.52 14.70 3.90
CA ARG A 51 8.50 13.80 4.41
C ARG A 51 7.17 14.53 4.52
N SER A 52 7.22 15.75 5.00
CA SER A 52 6.01 16.52 5.28
C SER A 52 5.35 17.02 3.97
N GLU A 53 6.19 17.35 2.98
CA GLU A 53 5.74 17.77 1.67
C GLU A 53 5.02 16.61 1.01
N ILE A 54 5.67 15.46 1.00
CA ILE A 54 5.07 14.25 0.46
C ILE A 54 3.66 14.04 1.04
N LEU A 55 3.56 14.03 2.36
CA LEU A 55 2.26 13.93 3.01
C LEU A 55 1.27 14.99 2.53
N ASP A 56 1.74 16.21 2.31
CA ASP A 56 0.88 17.30 1.84
C ASP A 56 0.34 17.03 0.45
N TYR A 57 1.23 16.52 -0.41
CA TYR A 57 0.86 16.14 -1.76
C TYR A 57 -0.20 15.04 -1.81
N LEU A 58 -0.22 14.20 -0.76
CA LEU A 58 -1.21 13.15 -0.68
C LEU A 58 -2.51 13.58 -0.01
N PHE A 59 -2.39 14.40 1.06
CA PHE A 59 -3.51 14.60 2.01
C PHE A 59 -4.01 16.02 2.22
N LYS A 60 -3.11 17.00 2.12
CA LYS A 60 -3.52 18.37 2.21
C LYS A 60 -4.59 18.67 1.15
N PRO A 61 -5.73 19.19 1.61
CA PRO A 61 -6.88 19.62 0.81
C PRO A 61 -6.50 20.78 -0.10
N ASN A 62 -7.08 20.81 -1.29
CA ASN A 62 -6.82 21.89 -2.23
C ASN A 62 -5.33 22.06 -2.48
N PHE A 63 -4.68 20.92 -2.76
CA PHE A 63 -3.24 20.91 -2.90
C PHE A 63 -2.74 19.88 -3.92
N GLY A 64 -2.79 18.60 -3.57
CA GLY A 64 -2.31 17.55 -4.45
C GLY A 64 -3.40 16.54 -4.66
N ALA A 65 -3.11 15.25 -4.44
CA ALA A 65 -4.12 14.21 -4.54
C ALA A 65 -5.34 14.44 -3.63
N SER A 66 -5.14 15.18 -2.55
CA SER A 66 -6.27 15.58 -1.70
C SER A 66 -7.23 14.45 -1.35
N LEU A 67 -6.69 13.29 -1.03
CA LEU A 67 -7.47 12.07 -0.81
C LEU A 67 -8.60 12.20 0.22
N HIS A 68 -9.73 11.56 -0.07
CA HIS A 68 -10.92 11.55 0.79
C HIS A 68 -10.88 10.38 1.76
N ILE A 69 -10.13 9.34 1.40
CA ILE A 69 -10.15 8.06 2.09
C ILE A 69 -8.74 7.50 2.21
N LEU A 70 -8.39 6.98 3.40
CA LEU A 70 -7.12 6.30 3.55
C LEU A 70 -7.41 4.94 4.09
N LYS A 71 -7.02 3.94 3.32
CA LYS A 71 -7.18 2.54 3.71
C LYS A 71 -5.82 1.96 4.14
N VAL A 72 -5.77 1.31 5.29
CA VAL A 72 -4.50 0.76 5.72
C VAL A 72 -4.66 -0.70 6.09
N GLU A 73 -3.59 -1.46 5.86
CA GLU A 73 -3.46 -2.83 6.35
C GLU A 73 -3.48 -2.87 7.86
N ILE A 74 -4.18 -3.85 8.42
CA ILE A 74 -4.00 -4.18 9.82
C ILE A 74 -2.98 -5.32 9.86
N GLY A 75 -1.76 -4.97 10.23
CA GLY A 75 -0.63 -5.88 10.14
C GLY A 75 -0.83 -7.18 10.89
N GLY A 76 -0.45 -8.29 10.26
CA GLY A 76 -0.62 -9.57 10.91
C GLY A 76 0.71 -10.32 11.00
N ASP A 77 1.81 -9.59 10.84
CA ASP A 77 3.13 -10.18 10.84
C ASP A 77 3.48 -11.09 9.66
N GLY A 78 2.53 -11.32 8.75
CA GLY A 78 2.84 -12.07 7.53
C GLY A 78 3.30 -11.15 6.40
N GLN A 79 4.04 -11.71 5.45
CA GLN A 79 4.32 -11.06 4.18
C GLN A 79 3.03 -10.83 3.38
N THR A 80 2.86 -9.60 2.89
CA THR A 80 1.59 -9.20 2.30
C THR A 80 1.74 -8.33 1.04
N THR A 81 2.95 -8.36 0.49
CA THR A 81 3.24 -8.12 -0.94
C THR A 81 4.60 -7.51 -1.15
N ASP A 82 4.98 -6.55 -0.32
CA ASP A 82 6.28 -5.89 -0.42
C ASP A 82 7.03 -5.88 0.92
N GLY A 83 6.62 -6.80 1.78
CA GLY A 83 7.17 -6.95 3.10
C GLY A 83 6.11 -7.43 4.08
N THR A 84 6.50 -7.52 5.35
CA THR A 84 5.54 -7.80 6.41
C THR A 84 5.22 -6.50 7.10
N GLU A 85 4.14 -6.48 7.86
CA GLU A 85 3.80 -5.35 8.69
C GLU A 85 3.50 -5.89 10.05
N PRO A 86 4.00 -5.23 11.08
CA PRO A 86 3.89 -5.70 12.44
C PRO A 86 2.47 -5.65 12.99
N SER A 87 2.11 -6.71 13.68
CA SER A 87 0.79 -6.80 14.30
C SER A 87 0.77 -6.13 15.68
N HIS A 88 -0.44 -5.84 16.18
CA HIS A 88 -0.54 -5.26 17.51
C HIS A 88 -0.59 -6.37 18.57
N MET A 89 -0.78 -7.61 18.13
CA MET A 89 -0.71 -8.77 19.04
C MET A 89 0.20 -9.87 18.47
N HIS A 90 1.51 -9.78 18.70
CA HIS A 90 2.47 -10.74 18.14
C HIS A 90 2.17 -12.11 18.74
N TYR A 91 1.83 -12.09 20.03
CA TYR A 91 1.56 -13.31 20.80
C TYR A 91 0.23 -13.13 21.51
N GLU A 92 -0.36 -14.23 21.96
CA GLU A 92 -1.42 -14.15 22.94
C GLU A 92 -0.94 -13.38 24.19
N LEU A 93 -1.75 -12.43 24.65
CA LEU A 93 -1.45 -11.62 25.84
C LEU A 93 -0.55 -10.42 25.54
N ASP A 94 -0.11 -10.31 24.30
CA ASP A 94 0.58 -9.13 23.85
C ASP A 94 -0.37 -8.09 23.24
N GLU A 95 -0.29 -6.85 23.69
CA GLU A 95 -0.98 -5.77 23.07
C GLU A 95 0.03 -4.61 23.00
N ASN A 96 0.29 -4.12 21.79
CA ASN A 96 1.15 -2.96 21.59
C ASN A 96 0.60 -2.14 20.43
N TYR A 97 0.20 -0.90 20.72
CA TYR A 97 -0.45 -0.05 19.72
C TYR A 97 0.49 0.97 19.12
N PHE A 98 1.77 0.64 19.06
CA PHE A 98 2.76 1.61 18.56
C PHE A 98 3.75 1.05 17.53
N ARG A 99 3.53 -0.20 17.08
CA ARG A 99 4.43 -0.77 16.10
C ARG A 99 4.09 -0.29 14.69
N GLY A 100 5.07 -0.37 13.79
CA GLY A 100 4.91 0.03 12.40
C GLY A 100 4.55 1.49 12.16
N TYR A 101 3.99 1.77 11.00
CA TYR A 101 3.80 3.15 10.59
C TYR A 101 2.37 3.56 10.20
N GLU A 102 1.42 2.62 10.27
CA GLU A 102 0.07 2.95 9.84
C GLU A 102 -0.58 3.91 10.83
N TRP A 103 -0.30 3.76 12.12
CA TRP A 103 -0.86 4.66 13.11
C TRP A 103 -0.38 6.07 12.77
N TRP A 104 0.92 6.19 12.59
CA TRP A 104 1.55 7.44 12.23
C TRP A 104 0.90 8.03 10.97
N LEU A 105 0.84 7.22 9.91
CA LEU A 105 0.28 7.67 8.64
C LEU A 105 -1.14 8.19 8.80
N MET A 106 -1.96 7.45 9.53
CA MET A 106 -3.32 7.88 9.81
C MET A 106 -3.34 9.25 10.52
N LYS A 107 -2.50 9.43 11.53
CA LYS A 107 -2.44 10.71 12.24
C LYS A 107 -2.02 11.85 11.31
N GLU A 108 -0.99 11.62 10.51
CA GLU A 108 -0.52 12.65 9.58
C GLU A 108 -1.63 13.03 8.60
N ALA A 109 -2.40 12.04 8.15
CA ALA A 109 -3.56 12.27 7.28
C ALA A 109 -4.68 13.05 7.96
N LYS A 110 -5.07 12.67 9.18
CA LYS A 110 -6.06 13.46 9.94
C LYS A 110 -5.56 14.90 10.23
N LYS A 111 -4.24 15.07 10.33
CA LYS A 111 -3.70 16.41 10.58
C LYS A 111 -4.01 17.34 9.42
N ARG A 112 -3.97 16.81 8.21
CA ARG A 112 -4.11 17.62 7.02
C ARG A 112 -5.56 17.69 6.58
N ASN A 113 -6.27 16.58 6.76
CA ASN A 113 -7.69 16.50 6.45
C ASN A 113 -8.51 15.82 7.55
N PRO A 114 -8.99 16.61 8.52
CA PRO A 114 -9.81 16.14 9.65
C PRO A 114 -10.99 15.26 9.23
N ASP A 115 -11.43 15.42 8.00
CA ASP A 115 -12.62 14.74 7.52
C ASP A 115 -12.24 13.50 6.72
N ILE A 116 -10.96 13.19 6.64
CA ILE A 116 -10.53 12.01 5.90
C ILE A 116 -11.23 10.78 6.49
N ILE A 117 -11.60 9.86 5.60
CA ILE A 117 -12.34 8.66 6.00
C ILE A 117 -11.30 7.57 6.16
N LEU A 118 -11.33 6.85 7.28
CA LEU A 118 -10.30 5.87 7.55
C LEU A 118 -10.85 4.47 7.52
N MET A 119 -10.05 3.55 6.97
CA MET A 119 -10.46 2.16 6.80
C MET A 119 -9.34 1.24 7.20
N GLY A 120 -9.71 0.11 7.80
CA GLY A 120 -8.76 -0.95 8.11
C GLY A 120 -9.15 -2.32 7.61
N LEU A 121 -8.17 -3.09 7.14
CA LEU A 121 -8.39 -4.43 6.63
C LEU A 121 -7.28 -5.41 6.97
N PRO A 122 -7.61 -6.59 7.48
CA PRO A 122 -6.46 -7.52 7.61
C PRO A 122 -6.07 -8.24 6.30
N TRP A 123 -4.78 -8.49 6.11
CA TRP A 123 -4.26 -9.36 5.04
C TRP A 123 -3.82 -10.72 5.65
N SER A 124 -2.95 -10.66 6.66
CA SER A 124 -2.55 -11.83 7.40
C SER A 124 -2.91 -11.68 8.87
N PHE A 125 -2.78 -12.75 9.65
CA PHE A 125 -3.04 -12.72 11.07
C PHE A 125 -1.91 -13.45 11.75
N PRO A 126 -1.61 -13.09 13.01
CA PRO A 126 -0.66 -13.84 13.84
C PRO A 126 -1.05 -15.31 13.96
N GLY A 127 -0.08 -16.21 13.95
CA GLY A 127 -0.35 -17.63 13.94
C GLY A 127 -1.12 -18.12 15.16
N TRP A 128 -0.92 -17.47 16.30
CA TRP A 128 -1.59 -17.89 17.51
C TRP A 128 -3.13 -17.78 17.40
N LEU A 129 -3.66 -16.94 16.51
CA LEU A 129 -5.12 -16.90 16.33
C LEU A 129 -5.69 -18.19 15.71
N GLY A 130 -4.83 -18.96 15.06
CA GLY A 130 -5.27 -20.16 14.39
C GLY A 130 -5.43 -21.34 15.32
N LYS A 131 -4.93 -21.22 16.54
CA LYS A 131 -5.11 -22.26 17.54
C LYS A 131 -4.61 -23.63 17.04
N GLY A 132 -3.52 -23.64 16.29
CA GLY A 132 -2.98 -24.88 15.77
C GLY A 132 -3.25 -25.11 14.29
N PHE A 133 -3.94 -24.15 13.65
CA PHE A 133 -4.22 -24.20 12.21
C PHE A 133 -3.91 -22.85 11.55
N SER A 134 -3.65 -22.85 10.26
CA SER A 134 -3.40 -21.58 9.58
C SER A 134 -4.74 -21.09 9.04
N TRP A 135 -5.68 -20.83 9.96
CA TRP A 135 -7.04 -20.48 9.59
C TRP A 135 -7.65 -19.54 10.61
N PRO A 136 -8.11 -18.38 10.13
CA PRO A 136 -8.64 -17.32 11.02
C PRO A 136 -10.08 -17.56 11.46
N TYR A 137 -10.71 -18.65 11.02
CA TYR A 137 -12.12 -18.87 11.40
C TYR A 137 -12.35 -20.03 12.35
N VAL A 138 -11.28 -20.56 12.92
CA VAL A 138 -11.38 -21.63 13.89
C VAL A 138 -12.16 -21.15 15.11
N ASN A 139 -11.80 -19.98 15.63
CA ASN A 139 -12.51 -19.40 16.75
C ASN A 139 -12.93 -18.01 16.33
N LEU A 140 -14.21 -17.82 16.01
CA LEU A 140 -14.67 -16.56 15.42
C LEU A 140 -14.53 -15.42 16.42
N GLN A 141 -14.88 -15.70 17.67
CA GLN A 141 -14.86 -14.65 18.68
C GLN A 141 -13.39 -14.14 18.90
N LEU A 142 -12.44 -15.06 18.83
CA LEU A 142 -11.03 -14.70 19.00
C LEU A 142 -10.56 -13.79 17.87
N THR A 143 -10.81 -14.19 16.62
CA THR A 143 -10.41 -13.31 15.52
C THR A 143 -11.13 -11.95 15.58
N ALA A 144 -12.41 -11.93 15.90
CA ALA A 144 -13.10 -10.64 16.04
C ALA A 144 -12.51 -9.79 17.16
N TYR A 145 -12.22 -10.42 18.30
CA TYR A 145 -11.61 -9.74 19.43
C TYR A 145 -10.29 -9.05 19.00
N TYR A 146 -9.44 -9.82 18.33
CA TYR A 146 -8.23 -9.30 17.73
C TYR A 146 -8.47 -8.05 16.89
N VAL A 147 -9.38 -8.14 15.94
CA VAL A 147 -9.63 -7.04 15.02
C VAL A 147 -10.23 -5.86 15.77
N VAL A 148 -11.10 -6.13 16.73
CA VAL A 148 -11.73 -5.05 17.46
C VAL A 148 -10.75 -4.34 18.41
N ARG A 149 -9.72 -5.03 18.91
CA ARG A 149 -8.67 -4.41 19.77
C ARG A 149 -7.98 -3.32 18.97
N TRP A 150 -7.80 -3.59 17.67
CA TRP A 150 -7.08 -2.68 16.82
C TRP A 150 -7.90 -1.39 16.70
N ILE A 151 -9.21 -1.54 16.54
CA ILE A 151 -10.06 -0.39 16.33
C ILE A 151 -10.09 0.43 17.62
N LEU A 152 -10.22 -0.28 18.75
CA LEU A 152 -10.21 0.37 20.05
C LEU A 152 -8.89 1.12 20.28
N GLY A 153 -7.80 0.47 19.89
CA GLY A 153 -6.48 1.04 20.09
C GLY A 153 -6.34 2.32 19.32
N ALA A 154 -6.74 2.28 18.06
CA ALA A 154 -6.67 3.44 17.19
C ALA A 154 -7.28 4.64 17.91
N LYS A 155 -8.39 4.41 18.58
CA LYS A 155 -9.13 5.46 19.28
C LYS A 155 -8.46 5.84 20.57
N HIS A 156 -8.11 4.84 21.39
CA HIS A 156 -7.55 5.09 22.71
C HIS A 156 -6.12 5.61 22.70
N TYR A 157 -5.28 5.17 21.76
CA TYR A 157 -3.87 5.62 21.76
C TYR A 157 -3.57 6.75 20.76
N HIS A 158 -4.40 6.88 19.71
CA HIS A 158 -4.10 7.84 18.65
C HIS A 158 -5.22 8.82 18.36
N ASP A 159 -6.35 8.65 19.05
CA ASP A 159 -7.54 9.47 18.85
C ASP A 159 -8.06 9.29 17.41
N LEU A 160 -7.86 8.11 16.85
CA LEU A 160 -8.36 7.82 15.49
C LEU A 160 -9.67 7.07 15.51
N ASP A 161 -10.66 7.61 14.83
CA ASP A 161 -11.90 6.88 14.56
C ASP A 161 -11.78 6.13 13.25
N ILE A 162 -11.92 4.81 13.32
CA ILE A 162 -11.91 4.01 12.11
C ILE A 162 -13.33 3.95 11.58
N ASP A 163 -13.51 4.32 10.32
CA ASP A 163 -14.87 4.35 9.76
C ASP A 163 -15.30 3.00 9.16
N TYR A 164 -14.37 2.26 8.58
CA TYR A 164 -14.74 0.99 7.92
C TYR A 164 -13.80 -0.14 8.28
N ILE A 165 -14.39 -1.30 8.54
CA ILE A 165 -13.62 -2.50 8.83
C ILE A 165 -13.95 -3.57 7.77
N GLY A 166 -12.92 -4.21 7.24
CA GLY A 166 -13.08 -5.26 6.27
C GLY A 166 -12.94 -6.64 6.91
N ILE A 167 -12.84 -7.69 6.07
CA ILE A 167 -12.89 -9.07 6.53
C ILE A 167 -11.52 -9.75 6.37
N TRP A 168 -11.19 -10.23 5.18
CA TRP A 168 -9.90 -10.88 4.96
C TRP A 168 -9.49 -10.70 3.51
N ASN A 169 -8.57 -9.77 3.28
CA ASN A 169 -8.16 -9.36 1.95
C ASN A 169 -8.05 -10.48 0.94
N GLU A 170 -8.94 -10.45 -0.06
CA GLU A 170 -8.85 -11.39 -1.18
C GLU A 170 -8.81 -12.84 -0.75
N ARG A 171 -9.44 -13.12 0.38
CA ARG A 171 -9.53 -14.48 0.91
C ARG A 171 -11.00 -14.76 1.28
N PRO A 172 -11.33 -16.03 1.53
CA PRO A 172 -12.74 -16.34 1.82
C PRO A 172 -13.27 -15.59 3.03
N PHE A 173 -14.54 -15.22 2.99
CA PHE A 173 -15.20 -14.72 4.18
C PHE A 173 -15.98 -15.88 4.84
N ASP A 174 -16.39 -15.68 6.08
CA ASP A 174 -17.20 -16.66 6.76
C ASP A 174 -18.38 -15.82 7.24
N ALA A 175 -19.59 -16.15 6.83
CA ALA A 175 -20.71 -15.27 7.16
C ALA A 175 -20.91 -15.15 8.69
N ASN A 176 -20.66 -16.24 9.40
CA ASN A 176 -20.77 -16.20 10.86
C ASN A 176 -19.76 -15.28 11.51
N TYR A 177 -18.56 -15.21 10.94
CA TYR A 177 -17.55 -14.23 11.33
C TYR A 177 -18.02 -12.78 11.17
N ILE A 178 -18.63 -12.47 10.03
CA ILE A 178 -19.06 -11.10 9.79
C ILE A 178 -20.11 -10.78 10.84
N LYS A 179 -20.99 -11.73 11.14
CA LYS A 179 -22.04 -11.49 12.13
C LYS A 179 -21.42 -11.27 13.52
N GLU A 180 -20.45 -12.13 13.88
CA GLU A 180 -19.75 -12.01 15.16
C GLU A 180 -19.02 -10.69 15.28
N LEU A 181 -18.34 -10.32 14.19
CA LEU A 181 -17.59 -9.09 14.13
C LEU A 181 -18.52 -7.90 14.36
N ARG A 182 -19.72 -7.92 13.79
CA ARG A 182 -20.73 -6.88 14.07
C ARG A 182 -21.20 -6.87 15.55
N LYS A 183 -21.55 -8.03 16.09
CA LYS A 183 -21.97 -8.17 17.47
C LYS A 183 -20.89 -7.66 18.41
N MET A 184 -19.65 -8.04 18.11
CA MET A 184 -18.47 -7.65 18.87
C MET A 184 -18.21 -6.15 18.81
N LEU A 185 -18.20 -5.54 17.62
CA LEU A 185 -18.10 -4.08 17.48
C LEU A 185 -19.17 -3.37 18.31
N ASP A 186 -20.41 -3.81 18.19
CA ASP A 186 -21.49 -3.21 18.96
C ASP A 186 -21.22 -3.32 20.49
N TYR A 187 -20.83 -4.50 20.94
CA TYR A 187 -20.62 -4.78 22.36
C TYR A 187 -19.59 -3.83 22.98
N GLN A 188 -18.62 -3.40 22.17
CA GLN A 188 -17.56 -2.48 22.56
C GLN A 188 -17.89 -1.02 22.25
N GLY A 189 -19.16 -0.72 22.02
CA GLY A 189 -19.58 0.64 21.72
C GLY A 189 -19.04 1.18 20.41
N LEU A 190 -18.83 0.30 19.43
CA LEU A 190 -18.37 0.70 18.12
C LEU A 190 -19.48 0.60 17.05
N GLN A 191 -20.71 0.89 17.47
CA GLN A 191 -21.85 0.91 16.55
C GLN A 191 -21.55 1.78 15.32
N ARG A 192 -20.79 2.82 15.54
CA ARG A 192 -20.44 3.78 14.50
C ARG A 192 -19.64 3.20 13.33
N VAL A 193 -18.95 2.09 13.58
CA VAL A 193 -18.02 1.53 12.61
C VAL A 193 -18.80 0.68 11.62
N ARG A 194 -18.54 0.90 10.33
CA ARG A 194 -19.22 0.16 9.27
C ARG A 194 -18.37 -0.99 8.68
N ILE A 195 -19.04 -1.97 8.13
CA ILE A 195 -18.41 -3.18 7.63
C ILE A 195 -18.46 -3.28 6.10
N ILE A 196 -17.30 -3.55 5.51
CA ILE A 196 -17.18 -3.68 4.08
C ILE A 196 -16.75 -5.10 3.78
N ALA A 197 -17.39 -5.71 2.79
CA ALA A 197 -17.10 -7.10 2.41
C ALA A 197 -17.18 -7.30 0.90
N SER A 198 -16.47 -8.31 0.40
CA SER A 198 -15.57 -9.11 1.21
C SER A 198 -14.15 -8.83 0.72
N ASP A 199 -13.99 -7.71 0.03
CA ASP A 199 -12.70 -7.32 -0.50
C ASP A 199 -12.12 -8.42 -1.35
N ASN A 200 -12.96 -9.03 -2.17
CA ASN A 200 -12.49 -9.99 -3.15
C ASN A 200 -13.28 -9.83 -4.48
N LEU A 201 -13.94 -10.89 -4.96
CA LEU A 201 -14.76 -10.75 -6.15
C LEU A 201 -16.16 -10.34 -5.74
N TRP A 202 -16.98 -9.92 -6.69
CA TRP A 202 -18.38 -9.67 -6.39
C TRP A 202 -19.12 -10.86 -5.74
N GLU A 203 -18.65 -12.07 -6.02
CA GLU A 203 -19.25 -13.29 -5.46
C GLU A 203 -18.19 -14.09 -4.72
N PRO A 204 -18.59 -14.81 -3.65
CA PRO A 204 -19.99 -15.05 -3.28
C PRO A 204 -20.67 -14.01 -2.39
N ILE A 205 -20.04 -12.87 -2.11
CA ILE A 205 -20.61 -11.93 -1.15
C ILE A 205 -22.00 -11.45 -1.58
N SER A 206 -22.11 -11.03 -2.84
CA SER A 206 -23.37 -10.46 -3.38
C SER A 206 -24.59 -11.36 -3.27
N SER A 207 -24.47 -12.60 -3.74
CA SER A 207 -25.58 -13.55 -3.62
C SER A 207 -25.82 -13.89 -2.16
N SER A 208 -24.75 -14.02 -1.38
CA SER A 208 -24.87 -14.25 0.06
C SER A 208 -25.77 -13.23 0.74
N LEU A 209 -25.60 -11.96 0.38
CA LEU A 209 -26.45 -10.89 0.88
C LEU A 209 -27.96 -11.00 0.48
N LEU A 210 -28.26 -11.57 -0.69
CA LEU A 210 -29.65 -11.65 -1.12
C LEU A 210 -30.35 -12.83 -0.45
N LEU A 211 -29.56 -13.82 -0.06
CA LEU A 211 -30.13 -15.04 0.48
C LEU A 211 -30.29 -15.04 2.01
N ASP A 212 -29.64 -14.08 2.69
CA ASP A 212 -29.53 -14.07 4.15
C ASP A 212 -29.76 -12.66 4.64
N GLN A 213 -30.97 -12.43 5.12
CA GLN A 213 -31.29 -11.12 5.66
C GLN A 213 -30.35 -10.68 6.82
N GLU A 214 -29.96 -11.62 7.67
CA GLU A 214 -29.14 -11.25 8.81
C GLU A 214 -27.77 -10.77 8.35
N LEU A 215 -27.22 -11.41 7.31
CA LEU A 215 -25.97 -10.98 6.74
C LEU A 215 -26.15 -9.64 6.02
N TRP A 216 -27.30 -9.46 5.41
CA TRP A 216 -27.61 -8.22 4.71
C TRP A 216 -27.63 -7.05 5.70
N LYS A 217 -28.23 -7.27 6.87
CA LYS A 217 -28.35 -6.19 7.86
C LYS A 217 -26.98 -5.65 8.31
N VAL A 218 -25.99 -6.53 8.38
CA VAL A 218 -24.72 -6.19 9.01
C VAL A 218 -23.60 -5.82 8.05
N VAL A 219 -23.80 -5.97 6.73
CA VAL A 219 -22.82 -5.48 5.75
C VAL A 219 -23.30 -4.14 5.20
N ASP A 220 -22.44 -3.13 5.20
CA ASP A 220 -22.87 -1.80 4.82
C ASP A 220 -22.40 -1.48 3.42
N VAL A 221 -21.24 -2.02 3.05
CA VAL A 221 -20.67 -1.75 1.74
C VAL A 221 -20.20 -3.04 1.09
N ILE A 222 -20.46 -3.23 -0.20
CA ILE A 222 -19.79 -4.28 -0.97
C ILE A 222 -18.57 -3.71 -1.65
N GLY A 223 -17.40 -4.13 -1.22
CA GLY A 223 -16.16 -3.64 -1.79
C GLY A 223 -15.56 -4.77 -2.58
N ALA A 224 -15.35 -4.54 -3.87
CA ALA A 224 -14.81 -5.58 -4.76
C ALA A 224 -13.45 -5.15 -5.32
N HIS A 225 -12.61 -6.12 -5.68
CA HIS A 225 -11.28 -5.80 -6.24
C HIS A 225 -11.13 -5.96 -7.75
N TYR A 226 -10.44 -4.97 -8.34
CA TYR A 226 -10.07 -4.97 -9.75
C TYR A 226 -11.22 -5.42 -10.67
N PRO A 227 -12.37 -4.72 -10.55
CA PRO A 227 -13.63 -5.12 -11.18
C PRO A 227 -13.71 -4.80 -12.67
N GLY A 228 -12.72 -4.11 -13.21
CA GLY A 228 -12.70 -3.78 -14.62
C GLY A 228 -13.84 -2.84 -14.99
N THR A 229 -14.25 -2.01 -14.02
CA THR A 229 -15.24 -0.94 -14.21
C THR A 229 -16.67 -1.43 -14.10
N TYR A 230 -16.85 -2.74 -14.03
CA TYR A 230 -18.19 -3.36 -14.04
C TYR A 230 -18.60 -3.98 -12.70
N THR A 231 -19.91 -4.06 -12.48
CA THR A 231 -20.45 -4.83 -11.36
C THR A 231 -21.22 -6.13 -11.82
N VAL A 232 -22.10 -6.67 -10.99
CA VAL A 232 -22.90 -7.80 -11.39
C VAL A 232 -24.29 -7.62 -10.82
N TRP A 233 -25.24 -8.37 -11.37
CA TRP A 233 -26.63 -8.10 -11.09
C TRP A 233 -26.98 -8.24 -9.60
N ASN A 234 -26.49 -9.28 -8.92
CA ASN A 234 -26.76 -9.45 -7.48
C ASN A 234 -26.31 -8.25 -6.63
N ALA A 235 -25.15 -7.69 -6.92
CA ALA A 235 -24.72 -6.48 -6.23
C ALA A 235 -25.69 -5.32 -6.40
N LYS A 236 -26.20 -5.12 -7.61
CA LYS A 236 -27.17 -4.02 -7.83
C LYS A 236 -28.44 -4.30 -7.03
N MET A 237 -28.84 -5.56 -6.98
CA MET A 237 -30.08 -5.92 -6.30
C MET A 237 -30.01 -5.66 -4.82
N SER A 238 -28.80 -5.72 -4.26
CA SER A 238 -28.63 -5.68 -2.82
C SER A 238 -29.02 -4.31 -2.29
N GLY A 239 -28.86 -3.30 -3.13
CA GLY A 239 -29.04 -1.92 -2.69
C GLY A 239 -27.91 -1.39 -1.80
N LYS A 240 -26.86 -2.18 -1.61
CA LYS A 240 -25.70 -1.72 -0.85
C LYS A 240 -24.86 -0.73 -1.64
N LYS A 241 -24.15 0.15 -0.94
CA LYS A 241 -23.11 0.90 -1.62
C LYS A 241 -22.08 -0.10 -2.21
N LEU A 242 -21.60 0.19 -3.42
CA LEU A 242 -20.64 -0.65 -4.10
C LEU A 242 -19.39 0.18 -4.36
N TRP A 243 -18.24 -0.36 -3.96
CA TRP A 243 -16.96 0.30 -4.07
C TRP A 243 -15.97 -0.59 -4.78
N SER A 244 -15.13 0.03 -5.61
CA SER A 244 -13.89 -0.59 -6.01
C SER A 244 -12.96 -0.38 -4.81
N SER A 245 -12.92 -1.36 -3.92
CA SER A 245 -12.17 -1.18 -2.69
C SER A 245 -10.66 -1.39 -2.87
N GLU A 246 -10.26 -1.96 -4.00
CA GLU A 246 -8.86 -1.96 -4.39
C GLU A 246 -8.75 -2.04 -5.90
N ASP A 247 -8.02 -1.08 -6.49
CA ASP A 247 -7.91 -0.99 -7.94
C ASP A 247 -6.56 -0.35 -8.26
N PHE A 248 -6.30 -0.11 -9.55
CA PHE A 248 -5.06 0.55 -10.01
C PHE A 248 -3.84 -0.40 -10.08
N SER A 249 -2.89 -0.30 -9.13
CA SER A 249 -1.74 -1.23 -9.07
C SER A 249 -0.86 -1.20 -10.34
N THR A 250 -0.82 -0.04 -10.98
CA THR A 250 -0.08 0.05 -12.22
C THR A 250 1.04 1.07 -12.06
N ILE A 251 2.16 0.84 -12.74
CA ILE A 251 3.28 1.77 -12.74
C ILE A 251 2.81 3.19 -12.96
N ASN A 252 3.22 4.11 -12.08
CA ASN A 252 2.79 5.51 -12.17
C ASN A 252 3.46 6.34 -13.27
N SER A 253 3.70 5.72 -14.43
CA SER A 253 4.07 6.44 -15.65
C SER A 253 2.83 7.11 -16.21
N ASN A 254 2.91 7.70 -17.41
CA ASN A 254 1.67 8.22 -18.02
C ASN A 254 0.58 7.13 -18.20
N VAL A 255 0.99 5.92 -18.61
CA VAL A 255 0.01 4.85 -18.79
C VAL A 255 -0.84 4.67 -17.54
N GLY A 256 -0.17 4.59 -16.39
CA GLY A 256 -0.85 4.40 -15.12
C GLY A 256 -1.76 5.56 -14.74
N ALA A 257 -1.33 6.79 -15.04
CA ALA A 257 -2.18 7.92 -14.73
C ALA A 257 -3.41 7.88 -15.63
N GLY A 258 -3.23 7.37 -16.85
CA GLY A 258 -4.32 7.20 -17.79
C GLY A 258 -5.31 6.17 -17.32
N CYS A 259 -4.79 5.02 -16.91
CA CYS A 259 -5.59 3.96 -16.28
C CYS A 259 -6.43 4.51 -15.13
N TRP A 260 -5.77 5.25 -14.24
CA TRP A 260 -6.42 5.82 -13.04
C TRP A 260 -7.52 6.78 -13.46
N SER A 261 -7.22 7.65 -14.41
CA SER A 261 -8.22 8.60 -14.86
C SER A 261 -9.52 7.98 -15.41
N ARG A 262 -9.34 7.00 -16.29
CA ARG A 262 -10.45 6.32 -16.94
C ARG A 262 -11.34 5.57 -15.94
N ILE A 263 -10.71 4.77 -15.05
CA ILE A 263 -11.47 3.96 -14.10
C ILE A 263 -12.06 4.85 -13.02
N LEU A 264 -11.51 6.04 -12.81
CA LEU A 264 -12.12 6.94 -11.82
C LEU A 264 -13.54 7.27 -12.26
N ASN A 265 -13.72 7.60 -13.54
CA ASN A 265 -15.06 7.88 -14.10
C ASN A 265 -15.89 6.64 -14.38
N GLN A 266 -15.31 5.71 -15.14
CA GLN A 266 -16.04 4.54 -15.60
C GLN A 266 -16.40 3.49 -14.53
N ASN A 267 -15.78 3.59 -13.34
CA ASN A 267 -16.20 2.72 -12.24
C ASN A 267 -17.61 3.07 -11.82
N TYR A 268 -17.92 4.36 -11.78
CA TYR A 268 -19.30 4.78 -11.51
C TYR A 268 -20.23 4.53 -12.73
N ILE A 269 -19.81 5.02 -13.89
CA ILE A 269 -20.62 4.91 -15.09
C ILE A 269 -21.00 3.45 -15.39
N ASN A 270 -20.01 2.57 -15.51
CA ASN A 270 -20.32 1.19 -15.93
C ASN A 270 -20.70 0.26 -14.80
N GLY A 271 -20.08 0.48 -13.62
CA GLY A 271 -20.24 -0.43 -12.50
C GLY A 271 -21.02 0.11 -11.31
N ASN A 272 -21.45 1.36 -11.38
CA ASN A 272 -22.31 1.93 -10.34
C ASN A 272 -21.52 1.98 -9.00
N MET A 273 -20.19 2.04 -9.09
CA MET A 273 -19.31 2.13 -7.92
C MET A 273 -19.08 3.58 -7.51
N THR A 274 -19.29 3.85 -6.23
CA THR A 274 -19.38 5.22 -5.76
C THR A 274 -18.11 5.63 -5.03
N SER A 275 -17.14 4.72 -5.05
CA SER A 275 -15.81 4.99 -4.53
C SER A 275 -14.81 4.11 -5.29
N THR A 276 -13.61 4.63 -5.47
CA THR A 276 -12.50 3.81 -5.96
C THR A 276 -11.27 4.08 -5.09
N ILE A 277 -10.58 3.01 -4.68
CA ILE A 277 -9.40 3.13 -3.83
C ILE A 277 -8.21 2.47 -4.49
N ALA A 278 -7.16 3.25 -4.73
CA ALA A 278 -5.94 2.74 -5.36
C ALA A 278 -5.01 2.00 -4.40
N TRP A 279 -4.53 0.84 -4.85
CA TRP A 279 -3.32 0.25 -4.32
C TRP A 279 -2.22 0.74 -5.24
N ASN A 280 -1.25 1.53 -4.76
CA ASN A 280 -1.10 1.90 -3.36
C ASN A 280 -0.92 3.41 -3.19
N LEU A 281 -1.01 3.90 -1.96
CA LEU A 281 -0.90 5.33 -1.67
C LEU A 281 0.36 6.01 -2.22
N VAL A 282 1.52 5.43 -1.94
CA VAL A 282 2.80 6.00 -2.38
C VAL A 282 3.81 4.86 -2.47
N ALA A 283 4.65 4.90 -3.51
CA ALA A 283 5.67 3.87 -3.66
C ALA A 283 6.89 4.15 -2.78
N SER A 284 6.79 3.67 -1.55
CA SER A 284 7.87 3.83 -0.59
C SER A 284 8.41 2.45 -0.22
N TYR A 285 8.70 1.68 -1.26
CA TYR A 285 9.27 0.34 -1.11
C TYR A 285 10.30 0.19 -2.23
N TYR A 286 11.32 -0.64 -2.04
CA TYR A 286 12.34 -0.83 -3.06
C TYR A 286 11.68 -1.23 -4.37
N GLU A 287 12.09 -0.58 -5.46
CA GLU A 287 11.42 -0.71 -6.76
C GLU A 287 11.43 -2.14 -7.31
N GLU A 288 12.44 -2.92 -6.92
CA GLU A 288 12.66 -4.26 -7.45
C GLU A 288 11.82 -5.30 -6.71
N LEU A 289 11.17 -4.86 -5.64
CA LEU A 289 10.13 -5.63 -4.99
C LEU A 289 8.95 -5.74 -5.95
N PRO A 290 8.00 -6.64 -5.67
CA PRO A 290 6.89 -6.84 -6.62
C PRO A 290 6.06 -5.57 -6.85
N TYR A 291 5.60 -5.37 -8.08
CA TYR A 291 4.76 -4.21 -8.43
C TYR A 291 5.39 -2.90 -7.95
N GLY A 292 6.67 -2.71 -8.28
CA GLY A 292 7.35 -1.52 -7.80
C GLY A 292 6.87 -0.28 -8.50
N ARG A 293 6.90 0.86 -7.81
CA ARG A 293 6.48 2.12 -8.39
C ARG A 293 5.00 2.14 -8.78
N SER A 294 4.17 1.35 -8.13
CA SER A 294 2.75 1.41 -8.41
C SER A 294 1.96 2.11 -7.30
N GLY A 295 2.47 3.27 -6.85
CA GLY A 295 1.71 4.17 -5.98
C GLY A 295 1.33 5.44 -6.71
N LEU A 296 0.44 6.24 -6.13
CA LEU A 296 0.05 7.49 -6.78
C LEU A 296 1.26 8.46 -6.94
N MET A 297 2.28 8.28 -6.14
CA MET A 297 3.54 8.99 -6.35
C MET A 297 4.66 8.09 -5.86
N THR A 298 5.89 8.57 -6.02
CA THR A 298 7.06 7.78 -5.68
C THR A 298 7.90 8.47 -4.60
N ALA A 299 8.28 7.70 -3.58
CA ALA A 299 9.13 8.22 -2.50
C ALA A 299 9.93 7.06 -1.95
N GLN A 300 10.98 6.69 -2.69
CA GLN A 300 11.67 5.45 -2.41
C GLN A 300 13.16 5.65 -2.07
N GLU A 301 13.49 6.86 -1.62
CA GLU A 301 14.86 7.23 -1.26
C GLU A 301 14.93 8.14 -0.03
N PRO A 302 14.62 7.61 1.16
CA PRO A 302 14.79 8.42 2.38
C PRO A 302 16.22 8.94 2.58
N TRP A 303 17.23 8.22 2.09
CA TRP A 303 18.62 8.67 2.20
C TRP A 303 18.92 9.93 1.39
N SER A 304 18.19 10.16 0.31
CA SER A 304 18.46 11.36 -0.49
C SER A 304 17.42 12.46 -0.27
N GLY A 305 16.18 12.07 0.05
CA GLY A 305 15.08 13.03 0.21
C GLY A 305 14.34 13.15 -1.12
N HIS A 306 14.84 12.45 -2.13
CA HIS A 306 14.25 12.53 -3.46
C HIS A 306 12.90 11.84 -3.50
N TYR A 307 11.93 12.51 -4.12
CA TYR A 307 10.62 11.92 -4.38
C TYR A 307 10.09 12.46 -5.71
N VAL A 308 9.25 11.67 -6.37
CA VAL A 308 8.61 12.09 -7.61
C VAL A 308 7.10 12.26 -7.45
N VAL A 309 6.61 13.46 -7.75
CA VAL A 309 5.17 13.67 -7.80
C VAL A 309 4.69 13.25 -9.18
N ALA A 310 4.27 11.99 -9.28
CA ALA A 310 4.00 11.36 -10.56
C ALA A 310 2.63 11.73 -11.11
N SER A 311 2.41 11.45 -12.40
CA SER A 311 1.18 11.85 -13.09
C SER A 311 -0.09 11.56 -12.28
N PRO A 312 -0.13 10.40 -11.58
CA PRO A 312 -1.42 10.06 -10.97
C PRO A 312 -1.85 10.98 -9.83
N ILE A 313 -0.94 11.71 -9.20
CA ILE A 313 -1.34 12.70 -8.21
C ILE A 313 -2.29 13.76 -8.83
N TRP A 314 -1.99 14.19 -10.04
CA TRP A 314 -2.80 15.21 -10.67
C TRP A 314 -4.08 14.65 -11.30
N VAL A 315 -4.03 13.41 -11.77
CA VAL A 315 -5.27 12.78 -12.20
C VAL A 315 -6.29 12.76 -11.05
N SER A 316 -5.82 12.41 -9.85
CA SER A 316 -6.64 12.39 -8.63
C SER A 316 -7.26 13.76 -8.34
N ALA A 317 -6.43 14.79 -8.39
CA ALA A 317 -6.85 16.17 -8.12
C ALA A 317 -8.10 16.57 -8.92
N HIS A 318 -8.12 16.16 -10.20
CA HIS A 318 -9.21 16.43 -11.10
C HIS A 318 -10.56 15.96 -10.58
N THR A 319 -10.55 15.07 -9.59
CA THR A 319 -11.79 14.62 -8.96
C THR A 319 -11.87 15.01 -7.48
N THR A 320 -10.77 14.86 -6.75
CA THR A 320 -10.78 15.08 -5.30
C THR A 320 -10.89 16.52 -4.86
N GLN A 321 -10.21 17.43 -5.56
CA GLN A 321 -10.26 18.87 -5.24
C GLN A 321 -11.63 19.48 -5.54
N PHE A 322 -12.43 18.79 -6.35
CA PHE A 322 -13.71 19.30 -6.80
C PHE A 322 -14.92 18.43 -6.43
N THR A 323 -14.70 17.46 -5.55
CA THR A 323 -15.81 16.68 -4.99
C THR A 323 -15.57 16.42 -3.51
N GLN A 324 -16.61 16.01 -2.80
CA GLN A 324 -16.44 15.54 -1.43
C GLN A 324 -17.37 14.37 -1.15
N PRO A 325 -16.94 13.45 -0.25
CA PRO A 325 -17.93 12.43 0.12
C PRO A 325 -19.22 13.15 0.53
N GLY A 326 -20.36 12.62 0.09
CA GLY A 326 -21.61 13.27 0.41
C GLY A 326 -22.22 14.06 -0.75
N TRP A 327 -21.40 14.52 -1.70
CA TRP A 327 -21.96 15.01 -2.97
C TRP A 327 -22.68 13.84 -3.64
N TYR A 328 -23.45 14.14 -4.67
CA TYR A 328 -24.15 13.11 -5.44
C TYR A 328 -23.75 13.16 -6.93
N TYR A 329 -23.65 11.99 -7.54
CA TYR A 329 -23.62 11.88 -8.99
C TYR A 329 -24.97 12.32 -9.57
N LEU A 330 -24.95 12.88 -10.77
CA LEU A 330 -26.19 13.12 -11.49
C LEU A 330 -26.59 11.83 -12.18
N LYS A 331 -27.87 11.75 -12.55
CA LYS A 331 -28.32 10.66 -13.42
C LYS A 331 -27.62 10.74 -14.78
N THR A 332 -27.35 11.97 -15.24
CA THR A 332 -26.74 12.18 -16.56
C THR A 332 -25.21 12.07 -16.57
N VAL A 333 -24.75 10.85 -16.78
CA VAL A 333 -23.33 10.56 -16.97
C VAL A 333 -23.31 9.52 -18.08
N GLY A 334 -22.23 9.41 -18.83
CA GLY A 334 -22.18 8.40 -19.87
C GLY A 334 -20.88 8.38 -20.63
N HIS A 335 -20.87 7.64 -21.73
CA HIS A 335 -19.74 7.67 -22.60
C HIS A 335 -19.90 8.78 -23.65
N LEU A 336 -18.79 9.17 -24.24
CA LEU A 336 -18.81 10.12 -25.34
C LEU A 336 -19.02 9.35 -26.62
N GLU A 337 -19.58 10.02 -27.62
CA GLU A 337 -19.85 9.39 -28.90
C GLU A 337 -18.59 8.77 -29.52
N LYS A 338 -17.49 9.52 -29.48
CA LYS A 338 -16.28 9.12 -30.21
C LYS A 338 -15.16 8.54 -29.33
N GLY A 339 -15.46 8.27 -28.06
CA GLY A 339 -14.52 7.66 -27.14
C GLY A 339 -14.34 8.45 -25.84
N GLY A 340 -14.04 7.75 -24.75
CA GLY A 340 -13.90 8.40 -23.45
C GLY A 340 -15.24 8.58 -22.78
N SER A 341 -15.26 9.34 -21.69
CA SER A 341 -16.46 9.43 -20.83
C SER A 341 -16.59 10.73 -20.06
N TYR A 342 -17.72 10.87 -19.36
CA TYR A 342 -17.95 12.06 -18.52
C TYR A 342 -18.84 11.70 -17.33
N VAL A 343 -18.49 12.24 -16.15
CA VAL A 343 -19.39 12.22 -15.00
C VAL A 343 -19.63 13.66 -14.55
N ALA A 344 -20.70 13.86 -13.78
CA ALA A 344 -20.99 15.15 -13.15
C ALA A 344 -21.63 14.96 -11.77
N LEU A 345 -21.41 15.91 -10.86
CA LEU A 345 -21.88 15.77 -9.49
C LEU A 345 -22.24 17.11 -8.90
N THR A 346 -23.13 17.10 -7.92
CA THR A 346 -23.47 18.34 -7.22
C THR A 346 -23.46 18.10 -5.74
N ASP A 347 -23.38 19.19 -4.97
CA ASP A 347 -23.39 19.13 -3.51
C ASP A 347 -24.78 19.47 -2.95
N GLY A 348 -25.70 19.79 -3.86
CA GLY A 348 -27.04 20.18 -3.48
C GLY A 348 -27.07 21.56 -2.88
N LEU A 349 -25.98 22.31 -3.04
CA LEU A 349 -25.92 23.71 -2.60
C LEU A 349 -25.62 24.66 -3.75
N GLY A 350 -25.85 24.19 -4.96
CA GLY A 350 -25.66 25.02 -6.14
C GLY A 350 -24.32 24.83 -6.83
N ASN A 351 -23.45 24.03 -6.23
CA ASN A 351 -22.18 23.72 -6.89
C ASN A 351 -22.32 22.53 -7.83
N LEU A 352 -21.60 22.59 -8.95
CA LEU A 352 -21.58 21.53 -9.94
C LEU A 352 -20.15 21.24 -10.42
N THR A 353 -19.78 19.96 -10.48
CA THR A 353 -18.47 19.55 -10.98
C THR A 353 -18.59 18.59 -12.17
N ILE A 354 -17.82 18.84 -13.22
CA ILE A 354 -17.85 18.01 -14.42
C ILE A 354 -16.45 17.49 -14.74
N ILE A 355 -16.31 16.18 -14.78
CA ILE A 355 -15.01 15.58 -15.01
C ILE A 355 -15.04 14.83 -16.32
N ILE A 356 -14.16 15.20 -17.23
CA ILE A 356 -14.14 14.55 -18.53
C ILE A 356 -12.80 13.88 -18.83
N GLU A 357 -12.88 12.66 -19.36
CA GLU A 357 -11.70 11.86 -19.63
C GLU A 357 -11.74 11.29 -21.06
N THR A 358 -10.61 11.32 -21.77
CA THR A 358 -10.56 10.69 -23.09
C THR A 358 -9.39 9.72 -23.26
N MET A 359 -9.08 8.96 -22.21
CA MET A 359 -7.93 8.07 -22.26
C MET A 359 -8.02 7.08 -23.41
N SER A 360 -6.92 6.95 -24.15
CA SER A 360 -6.86 6.05 -25.28
C SER A 360 -6.45 4.68 -24.79
N HIS A 361 -6.97 3.64 -25.42
CA HIS A 361 -6.61 2.31 -25.07
C HIS A 361 -5.10 2.12 -24.78
N GLN A 362 -4.28 2.70 -25.65
CA GLN A 362 -2.85 2.49 -25.61
C GLN A 362 -2.17 3.18 -24.43
N HIS A 363 -2.79 4.22 -23.88
CA HIS A 363 -2.17 4.95 -22.78
C HIS A 363 -2.97 4.85 -21.51
N SER A 364 -3.73 3.78 -21.34
CA SER A 364 -4.51 3.62 -20.13
C SER A 364 -4.65 2.18 -19.69
N MET A 365 -3.71 1.32 -20.10
CA MET A 365 -3.78 -0.09 -19.71
C MET A 365 -3.46 -0.30 -18.21
N CYS A 366 -4.46 -0.79 -17.49
CA CYS A 366 -4.29 -1.25 -16.12
C CYS A 366 -3.79 -2.67 -16.17
N ILE A 367 -3.23 -3.09 -15.06
CA ILE A 367 -2.68 -4.40 -14.98
C ILE A 367 -3.83 -5.43 -14.88
N ARG A 368 -4.86 -5.12 -14.10
CA ARG A 368 -6.04 -5.99 -13.96
C ARG A 368 -7.36 -5.26 -14.14
N PRO A 369 -8.14 -5.61 -15.18
CA PRO A 369 -7.84 -6.50 -16.29
C PRO A 369 -7.24 -5.75 -17.47
N TYR A 370 -6.76 -6.51 -18.45
CA TYR A 370 -6.42 -5.95 -19.76
C TYR A 370 -7.69 -5.82 -20.63
N LEU A 371 -7.86 -4.66 -21.25
CA LEU A 371 -9.03 -4.30 -22.04
C LEU A 371 -8.81 -4.57 -23.51
N PRO A 372 -9.77 -5.25 -24.17
CA PRO A 372 -9.69 -5.30 -25.64
C PRO A 372 -9.60 -3.89 -26.21
N TYR A 373 -8.88 -3.73 -27.32
CA TYR A 373 -8.73 -2.41 -27.91
C TYR A 373 -10.07 -1.67 -28.06
N TYR A 374 -10.05 -0.35 -27.87
CA TYR A 374 -11.17 0.53 -28.19
C TYR A 374 -10.62 1.82 -28.77
N ASN A 375 -11.46 2.51 -29.55
CA ASN A 375 -11.05 3.66 -30.33
C ASN A 375 -11.41 4.91 -29.56
N VAL A 376 -10.54 5.92 -29.63
CA VAL A 376 -10.86 7.28 -29.24
C VAL A 376 -10.34 8.22 -30.32
N SER A 377 -11.10 9.26 -30.62
CA SER A 377 -10.63 10.23 -31.61
C SER A 377 -11.23 11.61 -31.38
N HIS A 378 -10.67 12.59 -32.07
CA HIS A 378 -11.08 13.97 -31.92
C HIS A 378 -12.59 14.07 -32.04
N GLN A 379 -13.18 14.90 -31.20
CA GLN A 379 -14.62 15.10 -31.25
C GLN A 379 -14.95 16.41 -30.60
N LEU A 380 -16.13 16.93 -30.92
CA LEU A 380 -16.60 18.11 -30.24
C LEU A 380 -17.62 17.60 -29.25
N ALA A 381 -17.74 18.27 -28.13
CA ALA A 381 -18.73 17.87 -27.18
C ALA A 381 -19.49 19.09 -26.77
N THR A 382 -20.82 18.96 -26.78
CA THR A 382 -21.68 20.07 -26.42
C THR A 382 -22.43 19.68 -25.16
N PHE A 383 -22.40 20.55 -24.16
CA PHE A 383 -23.09 20.22 -22.92
C PHE A 383 -24.14 21.27 -22.64
N THR A 384 -25.28 20.82 -22.13
CA THR A 384 -26.38 21.71 -21.83
C THR A 384 -26.93 21.43 -20.45
N LEU A 385 -27.02 22.49 -19.66
CA LEU A 385 -27.48 22.42 -18.29
C LEU A 385 -28.99 22.67 -18.18
N LYS A 386 -29.76 21.60 -18.03
CA LYS A 386 -31.20 21.73 -17.75
C LYS A 386 -31.46 21.65 -16.24
N GLY A 387 -32.73 21.51 -15.85
CA GLY A 387 -33.12 21.56 -14.45
C GLY A 387 -32.52 22.74 -13.70
N SER A 388 -32.28 22.53 -12.41
CA SER A 388 -31.76 23.57 -11.52
C SER A 388 -30.32 24.00 -11.85
N LEU A 389 -29.86 23.62 -13.03
CA LEU A 389 -28.50 23.94 -13.41
C LEU A 389 -28.46 25.11 -14.37
N ARG A 390 -29.53 25.31 -15.13
CA ARG A 390 -29.59 26.37 -16.15
C ARG A 390 -29.04 27.68 -15.59
N GLU A 391 -29.29 27.92 -14.31
CA GLU A 391 -28.91 29.16 -13.65
C GLU A 391 -27.39 29.38 -13.46
N ILE A 392 -26.56 28.61 -14.16
CA ILE A 392 -25.09 28.74 -14.01
C ILE A 392 -24.46 29.43 -15.22
N GLN A 393 -23.63 30.44 -14.96
CA GLN A 393 -23.09 31.28 -16.03
C GLN A 393 -21.58 31.25 -16.09
N GLU A 394 -20.96 30.76 -15.01
CA GLU A 394 -19.51 30.76 -14.86
C GLU A 394 -19.02 29.39 -14.37
N LEU A 395 -17.91 28.94 -14.94
CA LEU A 395 -17.32 27.67 -14.55
C LEU A 395 -15.81 27.72 -14.66
N GLN A 396 -15.13 27.42 -13.57
CA GLN A 396 -13.67 27.34 -13.59
C GLN A 396 -13.27 26.09 -14.34
N VAL A 397 -12.09 26.13 -14.95
CA VAL A 397 -11.66 25.05 -15.84
C VAL A 397 -10.24 24.57 -15.57
N TRP A 398 -10.10 23.27 -15.33
CA TRP A 398 -8.80 22.66 -15.07
C TRP A 398 -8.50 21.60 -16.12
N TYR A 399 -7.24 21.49 -16.51
CA TYR A 399 -6.89 20.72 -17.69
C TYR A 399 -5.56 19.97 -17.59
N THR A 400 -5.58 18.69 -17.95
CA THR A 400 -4.37 17.87 -17.97
C THR A 400 -4.22 17.13 -19.31
N LYS A 401 -2.98 16.96 -19.78
CA LYS A 401 -2.72 16.25 -21.01
C LYS A 401 -1.56 15.27 -20.85
N LEU A 402 -1.85 13.97 -20.97
CA LEU A 402 -0.88 12.92 -20.65
C LEU A 402 -0.02 12.44 -21.84
N GLY A 403 1.25 12.15 -21.56
CA GLY A 403 2.20 11.70 -22.58
C GLY A 403 3.21 12.76 -23.01
N GLN A 407 6.11 14.66 -23.20
CA GLN A 407 5.67 16.04 -23.04
C GLN A 407 4.24 16.15 -22.55
N ARG A 408 4.11 16.46 -21.26
CA ARG A 408 2.79 16.62 -20.65
C ARG A 408 2.59 18.00 -19.96
N LEU A 409 1.32 18.40 -19.84
CA LEU A 409 0.88 19.52 -18.99
C LEU A 409 -0.04 18.99 -17.90
N HIS A 410 0.24 19.34 -16.64
CA HIS A 410 -0.51 18.77 -15.53
C HIS A 410 -1.33 19.81 -14.72
N PHE A 411 -2.63 19.56 -14.59
CA PHE A 411 -3.48 20.31 -13.68
C PHE A 411 -3.35 21.83 -13.86
N LYS A 412 -3.24 22.25 -15.12
CA LYS A 412 -3.17 23.67 -15.46
C LYS A 412 -4.56 24.30 -15.44
N GLN A 413 -4.67 25.41 -14.73
CA GLN A 413 -5.92 26.17 -14.71
C GLN A 413 -6.03 26.94 -16.01
N LEU A 414 -7.22 26.94 -16.61
CA LEU A 414 -7.50 27.67 -17.85
C LEU A 414 -8.55 28.70 -17.54
N ASP A 415 -8.73 29.62 -18.48
CA ASP A 415 -9.64 30.75 -18.29
C ASP A 415 -11.06 30.31 -18.11
N THR A 416 -11.74 30.97 -17.20
CA THR A 416 -13.12 30.65 -16.90
C THR A 416 -13.95 30.55 -18.18
N LEU A 417 -14.93 29.65 -18.17
CA LEU A 417 -15.90 29.54 -19.26
C LEU A 417 -17.22 30.17 -18.86
N TRP A 418 -17.76 31.01 -19.75
CA TRP A 418 -18.98 31.76 -19.46
C TRP A 418 -20.13 31.33 -20.36
N LEU A 419 -21.30 31.17 -19.75
CA LEU A 419 -22.51 30.77 -20.46
C LEU A 419 -23.59 31.83 -20.25
N LEU A 420 -23.13 33.08 -20.22
CA LEU A 420 -23.97 34.24 -19.92
C LEU A 420 -25.03 34.45 -21.00
N ASP A 421 -24.85 33.79 -22.14
CA ASP A 421 -25.81 33.94 -23.22
C ASP A 421 -27.21 33.49 -22.81
N GLY A 422 -27.31 32.61 -21.82
CA GLY A 422 -28.60 32.14 -21.34
C GLY A 422 -28.98 30.80 -21.92
N SER A 423 -28.09 30.28 -22.77
CA SER A 423 -28.23 28.97 -23.39
C SER A 423 -28.01 27.87 -22.35
N GLY A 424 -27.31 28.20 -21.28
CA GLY A 424 -26.88 27.20 -20.31
C GLY A 424 -26.18 26.10 -21.07
N SER A 425 -25.34 26.50 -22.02
CA SER A 425 -24.69 25.55 -22.91
C SER A 425 -23.32 26.03 -23.39
N PHE A 426 -22.45 25.05 -23.60
CA PHE A 426 -21.08 25.28 -24.08
C PHE A 426 -20.58 24.05 -24.87
N THR A 427 -19.38 24.19 -25.44
CA THR A 427 -18.78 23.16 -26.31
C THR A 427 -17.24 23.06 -26.14
N LEU A 428 -16.67 21.86 -26.34
CA LEU A 428 -15.24 21.63 -26.15
C LEU A 428 -14.53 20.86 -27.28
N GLU A 429 -13.30 21.27 -27.59
CA GLU A 429 -12.45 20.53 -28.51
C GLU A 429 -11.67 19.44 -27.76
N LEU A 430 -12.26 18.26 -27.65
CA LEU A 430 -11.63 17.14 -26.95
C LEU A 430 -10.72 16.36 -27.87
N GLU A 431 -9.55 16.00 -27.39
CA GLU A 431 -8.69 15.11 -28.15
C GLU A 431 -8.31 13.91 -27.27
N GLU A 432 -7.34 13.11 -27.68
CA GLU A 432 -7.04 11.86 -26.96
C GLU A 432 -6.16 12.09 -25.74
N ASP A 433 -6.38 11.30 -24.69
CA ASP A 433 -5.56 11.35 -23.49
C ASP A 433 -5.66 12.68 -22.73
N GLU A 434 -6.85 13.29 -22.68
CA GLU A 434 -7.04 14.54 -21.95
C GLU A 434 -8.00 14.39 -20.77
N ILE A 435 -7.91 15.31 -19.81
CA ILE A 435 -8.89 15.41 -18.75
C ILE A 435 -9.27 16.88 -18.53
N PHE A 436 -10.55 17.12 -18.33
CA PHE A 436 -11.05 18.46 -18.05
C PHE A 436 -11.89 18.40 -16.81
N THR A 437 -11.68 19.35 -15.90
CA THR A 437 -12.63 19.52 -14.81
C THR A 437 -13.25 20.91 -14.87
N LEU A 438 -14.57 20.93 -14.92
CA LEU A 438 -15.32 22.16 -15.02
C LEU A 438 -16.13 22.21 -13.77
N THR A 439 -16.01 23.31 -13.05
CA THR A 439 -16.51 23.36 -11.70
C THR A 439 -16.89 24.78 -11.30
N THR A 440 -17.94 24.88 -10.50
CA THR A 440 -18.29 26.13 -9.87
C THR A 440 -17.28 26.43 -8.77
N LEU A 441 -16.77 25.38 -8.15
CA LEU A 441 -15.82 25.53 -7.06
C LEU A 441 -14.62 26.34 -7.51
N THR A 442 -14.12 27.20 -6.63
CA THR A 442 -13.00 28.09 -6.97
C THR A 442 -11.75 27.80 -6.12
N THR A 443 -11.85 26.76 -5.28
CA THR A 443 -10.83 26.42 -4.30
C THR A 443 -9.62 25.71 -4.91
N GLY A 444 -9.74 25.30 -6.15
CA GLY A 444 -8.70 24.52 -6.82
C GLY A 444 -7.31 25.12 -6.78
N ARG A 445 -6.32 24.28 -6.57
CA ARG A 445 -4.92 24.73 -6.55
C ARG A 445 -3.93 23.63 -6.93
N LYS A 446 -3.04 23.92 -7.86
CA LYS A 446 -1.93 23.02 -8.09
C LYS A 446 -0.79 23.34 -7.12
N GLY A 447 -0.88 22.73 -5.94
CA GLY A 447 0.11 22.89 -4.91
C GLY A 447 1.50 22.62 -5.43
N SER A 448 2.45 23.35 -4.86
CA SER A 448 3.82 23.25 -5.30
C SER A 448 4.79 23.45 -4.13
N TYR A 449 5.72 22.51 -3.98
CA TYR A 449 6.92 22.74 -3.20
C TYR A 449 8.08 22.78 -4.19
N PRO A 450 9.23 23.27 -3.75
CA PRO A 450 10.38 23.27 -4.67
C PRO A 450 10.84 21.85 -4.96
N PRO A 451 11.61 21.67 -6.05
CA PRO A 451 12.01 20.29 -6.35
C PRO A 451 12.86 19.74 -5.22
N PRO A 452 12.69 18.47 -4.91
CA PRO A 452 13.50 17.91 -3.85
C PRO A 452 14.81 17.43 -4.46
N PRO A 453 15.79 17.05 -3.61
CA PRO A 453 17.13 16.60 -4.05
C PRO A 453 17.07 15.58 -5.18
N SER A 454 18.12 15.52 -5.99
CA SER A 454 18.20 14.56 -7.09
C SER A 454 18.32 13.14 -6.54
N SER A 455 17.79 12.17 -7.27
CA SER A 455 17.88 10.77 -6.90
C SER A 455 19.33 10.37 -6.69
N LYS A 456 19.56 9.42 -5.77
CA LYS A 456 20.90 8.92 -5.47
C LYS A 456 20.78 7.46 -5.08
N PRO A 457 21.72 6.63 -5.53
CA PRO A 457 21.71 5.22 -5.12
C PRO A 457 21.79 5.12 -3.60
N PHE A 458 21.39 3.98 -3.06
CA PHE A 458 21.56 3.73 -1.64
C PHE A 458 23.05 3.95 -1.31
N PRO A 459 23.34 4.53 -0.13
CA PRO A 459 24.75 4.73 0.24
C PRO A 459 25.61 3.44 0.14
N THR A 460 26.84 3.57 -0.34
CA THR A 460 27.71 2.41 -0.60
C THR A 460 28.53 2.01 0.63
N ASN A 461 28.52 2.88 1.63
CA ASN A 461 28.95 2.53 2.96
C ASN A 461 27.79 2.88 3.85
N TYR A 462 27.41 1.96 4.73
CA TYR A 462 26.21 2.18 5.52
C TYR A 462 26.30 1.38 6.80
N LYS A 463 25.90 2.00 7.91
CA LYS A 463 26.02 1.40 9.24
C LYS A 463 24.79 1.72 10.07
N ASP A 464 24.39 0.78 10.92
CA ASP A 464 23.39 1.08 11.92
C ASP A 464 23.70 0.20 13.12
N ASP A 465 23.89 0.86 14.26
CA ASP A 465 24.26 0.20 15.50
C ASP A 465 23.05 0.08 16.44
N PHE A 466 21.90 0.55 15.93
CA PHE A 466 20.60 0.38 16.60
C PHE A 466 20.50 1.05 17.95
N ASN A 467 21.44 1.97 18.22
CA ASN A 467 21.53 2.64 19.51
C ASN A 467 20.59 3.83 19.59
N VAL A 468 19.34 3.53 19.92
CA VAL A 468 18.29 4.52 20.02
C VAL A 468 17.41 4.05 21.15
N GLU A 469 17.26 4.87 22.18
CA GLU A 469 16.64 4.41 23.41
C GLU A 469 15.14 4.56 23.36
N TYR A 470 14.68 5.64 22.73
CA TYR A 470 13.25 5.84 22.48
C TYR A 470 13.00 6.11 21.00
N PRO A 471 13.08 5.05 20.18
CA PRO A 471 12.92 5.22 18.72
C PRO A 471 11.55 5.75 18.42
N LEU A 472 11.41 6.59 17.39
CA LEU A 472 10.10 7.07 17.00
C LEU A 472 9.27 5.98 16.29
N PHE A 473 9.94 5.09 15.54
CA PHE A 473 9.30 3.91 14.97
C PHE A 473 9.87 2.62 15.57
N SER A 474 9.15 1.52 15.39
CA SER A 474 9.45 0.29 16.10
C SER A 474 10.59 -0.48 15.46
N GLU A 475 10.92 -0.11 14.24
CA GLU A 475 12.01 -0.78 13.54
C GLU A 475 13.03 0.21 12.98
N ALA A 476 14.28 -0.25 12.85
CA ALA A 476 15.34 0.57 12.27
C ALA A 476 14.97 0.90 10.82
N PRO A 477 15.43 2.06 10.32
CA PRO A 477 15.17 2.50 8.95
C PRO A 477 15.70 1.56 7.88
N ASN A 478 15.06 1.58 6.71
CA ASN A 478 15.60 0.91 5.53
C ASN A 478 15.59 -0.61 5.55
N PHE A 479 15.38 -1.21 6.71
CA PHE A 479 15.29 -2.66 6.79
C PHE A 479 13.89 -3.10 6.45
N ALA A 480 13.71 -3.78 5.33
CA ALA A 480 12.34 -4.14 4.90
C ALA A 480 12.10 -5.61 5.12
N ASP A 481 11.35 -5.94 6.16
CA ASP A 481 11.08 -7.34 6.51
C ASP A 481 10.26 -8.02 5.38
N GLN A 482 10.70 -9.21 4.96
CA GLN A 482 10.01 -9.96 3.90
C GLN A 482 9.52 -11.29 4.42
N THR A 483 9.99 -11.66 5.61
CA THR A 483 9.38 -12.72 6.42
C THR A 483 9.86 -12.57 7.86
N GLY A 484 8.95 -12.77 8.80
CA GLY A 484 9.19 -12.40 10.18
C GLY A 484 9.08 -10.90 10.41
N VAL A 485 9.40 -10.48 11.63
CA VAL A 485 9.29 -9.09 12.01
C VAL A 485 10.49 -8.69 12.89
N PHE A 486 11.22 -7.67 12.45
CA PHE A 486 12.41 -7.21 13.16
C PHE A 486 12.12 -5.88 13.87
N GLU A 487 12.59 -5.77 15.11
CA GLU A 487 12.24 -4.65 15.96
C GLU A 487 13.43 -4.12 16.77
N TYR A 488 13.40 -2.82 17.07
CA TYR A 488 14.35 -2.28 18.03
C TYR A 488 14.12 -3.06 19.31
N TYR A 489 15.24 -3.36 19.98
CA TYR A 489 15.22 -4.13 21.21
C TYR A 489 16.24 -3.56 22.25
N MET A 490 15.73 -3.22 23.44
CA MET A 490 16.57 -2.77 24.55
C MET A 490 16.72 -3.89 25.58
N ASN A 491 17.96 -4.19 25.93
CA ASN A 491 18.25 -5.25 26.87
C ASN A 491 19.15 -4.72 27.98
N ASN A 492 18.53 -4.14 29.01
CA ASN A 492 19.29 -3.52 30.10
C ASN A 492 20.37 -4.42 30.71
N GLU A 493 20.12 -5.72 30.69
CA GLU A 493 20.96 -6.68 31.39
C GLU A 493 22.26 -7.03 30.68
N ASP A 494 22.49 -6.46 29.50
CA ASP A 494 23.78 -6.56 28.84
C ASP A 494 24.24 -5.15 28.46
N ARG A 495 25.52 -4.85 28.69
CA ARG A 495 26.02 -3.50 28.41
C ARG A 495 26.73 -3.35 27.08
N GLU A 496 27.33 -4.43 26.58
CA GLU A 496 27.97 -4.40 25.26
C GLU A 496 26.94 -4.45 24.10
N HIS A 497 25.76 -5.02 24.37
CA HIS A 497 24.69 -5.15 23.39
C HIS A 497 23.33 -4.74 23.97
N ARG A 498 23.22 -3.48 24.41
CA ARG A 498 22.03 -3.03 25.10
C ARG A 498 20.92 -2.66 24.12
N PHE A 499 21.32 -2.29 22.91
CA PHE A 499 20.39 -1.86 21.89
C PHE A 499 20.62 -2.64 20.60
N THR A 500 19.71 -3.55 20.28
CA THR A 500 19.89 -4.41 19.13
C THR A 500 18.62 -4.42 18.28
N LEU A 501 18.69 -5.13 17.16
CA LEU A 501 17.55 -5.41 16.35
C LEU A 501 17.20 -6.88 16.56
N ARG A 502 15.94 -7.16 16.89
CA ARG A 502 15.52 -8.51 17.24
C ARG A 502 14.37 -9.01 16.35
N GLN A 503 14.51 -10.24 15.84
CA GLN A 503 13.42 -10.92 15.17
C GLN A 503 12.44 -11.42 16.21
N VAL A 504 11.18 -10.99 16.14
CA VAL A 504 10.24 -11.26 17.25
C VAL A 504 9.15 -12.33 17.03
N LEU A 505 9.01 -12.87 15.81
CA LEU A 505 7.99 -13.90 15.61
C LEU A 505 8.56 -15.21 16.15
N ASN A 506 7.75 -15.95 16.92
CA ASN A 506 8.08 -17.32 17.37
C ASN A 506 7.23 -18.39 16.68
N GLN A 507 6.33 -17.98 15.79
CA GLN A 507 5.61 -18.95 14.95
C GLN A 507 5.10 -18.34 13.65
N ARG A 508 5.04 -19.20 12.63
CA ARG A 508 4.55 -18.81 11.34
C ARG A 508 3.16 -18.15 11.48
N PRO A 509 2.97 -17.01 10.81
CA PRO A 509 1.65 -16.35 10.80
C PRO A 509 0.58 -17.17 10.03
N ILE A 510 -0.69 -16.82 10.22
CA ILE A 510 -1.74 -17.26 9.30
C ILE A 510 -1.48 -16.45 8.07
N THR A 511 -0.83 -17.07 7.10
CA THR A 511 -0.27 -16.33 5.97
C THR A 511 -1.29 -15.91 4.92
N TRP A 512 -0.95 -14.83 4.21
CA TRP A 512 -1.67 -14.36 3.04
C TRP A 512 -0.89 -14.78 1.80
N ALA A 513 0.41 -14.47 1.82
CA ALA A 513 1.37 -14.90 0.82
C ALA A 513 2.02 -16.21 1.24
N ALA A 514 2.92 -16.67 0.40
CA ALA A 514 3.77 -17.78 0.73
C ALA A 514 5.06 -17.27 1.42
N ASP A 515 4.93 -16.83 2.68
CA ASP A 515 6.10 -16.48 3.49
C ASP A 515 7.18 -17.58 3.38
N ALA A 516 8.44 -17.16 3.49
CA ALA A 516 9.55 -18.11 3.51
C ALA A 516 9.52 -18.96 4.79
N SER A 517 10.32 -20.00 4.82
CA SER A 517 10.44 -20.84 5.99
C SER A 517 11.38 -20.18 6.96
N SER A 518 12.27 -19.34 6.43
CA SER A 518 13.22 -18.58 7.24
C SER A 518 12.80 -17.12 7.25
N THR A 519 13.05 -16.41 8.37
CA THR A 519 12.78 -14.97 8.41
C THR A 519 13.91 -14.21 7.69
N ILE A 520 13.64 -13.00 7.23
CA ILE A 520 14.66 -12.26 6.48
C ILE A 520 14.21 -10.83 6.34
N SER A 521 15.16 -9.90 6.42
CA SER A 521 14.94 -8.48 6.17
C SER A 521 15.98 -7.99 5.18
N VAL A 522 15.56 -7.32 4.12
CA VAL A 522 16.50 -6.92 3.05
C VAL A 522 16.76 -5.43 3.11
N ILE A 523 17.91 -5.01 2.61
CA ILE A 523 18.30 -3.61 2.73
C ILE A 523 19.31 -3.19 1.66
N GLY A 524 19.26 -1.92 1.28
CA GLY A 524 20.26 -1.37 0.38
C GLY A 524 19.87 -1.18 -1.09
N ASP A 525 20.76 -1.59 -1.98
CA ASP A 525 20.61 -1.31 -3.39
C ASP A 525 20.59 -2.63 -4.16
N HIS A 526 19.51 -2.88 -4.88
CA HIS A 526 19.32 -4.14 -5.59
C HIS A 526 20.38 -4.35 -6.69
N HIS A 527 20.98 -3.25 -7.18
CA HIS A 527 22.04 -3.36 -8.18
C HIS A 527 23.38 -3.80 -7.60
N TRP A 528 23.56 -3.65 -6.28
CA TRP A 528 24.82 -4.01 -5.65
C TRP A 528 25.21 -5.37 -6.13
N THR A 529 26.50 -5.54 -6.44
CA THR A 529 26.96 -6.79 -7.00
C THR A 529 28.21 -7.33 -6.30
N ASN A 530 29.15 -6.45 -5.98
CA ASN A 530 30.26 -6.78 -5.10
C ASN A 530 30.00 -6.09 -3.76
N MET A 531 30.09 -6.81 -2.66
CA MET A 531 29.77 -6.20 -1.39
C MET A 531 30.31 -7.00 -0.23
N THR A 532 30.55 -6.31 0.88
CA THR A 532 30.94 -6.92 2.15
C THR A 532 29.91 -6.55 3.21
N VAL A 533 29.36 -7.57 3.89
CA VAL A 533 28.29 -7.37 4.86
C VAL A 533 28.75 -7.90 6.18
N GLN A 534 28.70 -7.07 7.20
CA GLN A 534 29.08 -7.52 8.54
C GLN A 534 27.96 -7.26 9.55
N CYS A 535 27.82 -8.18 10.51
CA CYS A 535 26.82 -8.02 11.56
C CYS A 535 27.10 -8.89 12.78
N ASP A 536 26.76 -8.40 13.96
CA ASP A 536 26.81 -9.23 15.15
C ASP A 536 25.47 -9.93 15.24
N VAL A 537 25.50 -11.22 15.52
CA VAL A 537 24.30 -12.03 15.59
C VAL A 537 24.30 -12.84 16.86
N TYR A 538 23.12 -13.05 17.42
CA TYR A 538 22.99 -13.78 18.66
C TYR A 538 21.79 -14.73 18.50
N ILE A 539 22.03 -16.03 18.66
CA ILE A 539 21.01 -17.06 18.48
C ILE A 539 20.40 -17.37 19.83
N GLU A 540 19.09 -17.20 19.97
CA GLU A 540 18.47 -17.42 21.27
C GLU A 540 18.06 -18.85 21.57
N THR A 541 17.84 -19.68 20.55
CA THR A 541 17.33 -21.04 20.78
C THR A 541 18.42 -22.11 20.86
N PRO A 542 18.46 -22.84 21.98
CA PRO A 542 19.60 -23.77 22.12
C PRO A 542 19.50 -24.97 21.21
N ARG A 543 20.66 -25.48 20.79
CA ARG A 543 20.76 -26.70 19.97
C ARG A 543 20.32 -26.45 18.53
N SER A 544 19.12 -25.92 18.36
CA SER A 544 18.44 -25.92 17.06
C SER A 544 18.41 -24.59 16.33
N GLY A 545 18.71 -23.50 17.03
CA GLY A 545 18.74 -22.17 16.45
C GLY A 545 19.72 -21.93 15.30
N GLY A 546 19.40 -20.96 14.44
CA GLY A 546 20.23 -20.59 13.32
C GLY A 546 19.98 -19.17 12.85
N VAL A 547 21.00 -18.53 12.32
CA VAL A 547 20.87 -17.19 11.78
C VAL A 547 21.73 -17.08 10.54
N PHE A 548 21.51 -16.05 9.74
CA PHE A 548 22.38 -15.84 8.59
C PHE A 548 22.59 -14.35 8.27
N ILE A 549 23.49 -14.10 7.32
CA ILE A 549 23.58 -12.79 6.69
C ILE A 549 23.79 -13.08 5.19
N ALA A 550 23.37 -12.18 4.32
CA ALA A 550 23.39 -12.49 2.89
C ALA A 550 23.62 -11.26 2.03
N GLY A 551 23.90 -11.51 0.75
CA GLY A 551 24.06 -10.45 -0.23
C GLY A 551 23.67 -10.96 -1.61
N ARG A 552 23.44 -10.06 -2.54
CA ARG A 552 22.89 -10.42 -3.84
C ARG A 552 21.50 -11.04 -3.69
N VAL A 553 20.76 -10.65 -2.65
CA VAL A 553 19.39 -11.17 -2.49
C VAL A 553 18.47 -10.51 -3.51
N ASN A 554 17.94 -11.29 -4.47
CA ASN A 554 17.35 -10.74 -5.71
C ASN A 554 15.82 -10.65 -5.77
N LYS A 555 15.14 -11.31 -4.86
CA LYS A 555 13.68 -11.34 -4.86
C LYS A 555 13.16 -11.08 -3.46
N GLY A 556 12.01 -10.42 -3.35
CA GLY A 556 11.37 -10.24 -2.07
C GLY A 556 9.87 -10.22 -2.24
N GLY A 557 9.18 -9.77 -1.21
CA GLY A 557 7.75 -9.62 -1.26
C GLY A 557 7.02 -10.92 -1.50
N ILE A 558 5.95 -10.86 -2.30
CA ILE A 558 5.24 -12.04 -2.77
C ILE A 558 6.19 -13.18 -3.18
N LEU A 559 7.31 -12.83 -3.79
CA LEU A 559 8.25 -13.82 -4.27
C LEU A 559 9.37 -14.19 -3.29
N ILE A 560 9.32 -13.72 -2.04
CA ILE A 560 10.44 -13.94 -1.12
C ILE A 560 10.97 -15.38 -1.08
N ARG A 561 10.12 -16.37 -1.29
CA ARG A 561 10.57 -17.76 -1.32
C ARG A 561 11.54 -18.09 -2.45
N SER A 562 11.49 -17.29 -3.52
CA SER A 562 12.33 -17.51 -4.72
C SER A 562 13.74 -16.92 -4.64
N ALA A 563 13.96 -16.08 -3.64
CA ALA A 563 15.20 -15.31 -3.53
C ALA A 563 16.47 -16.15 -3.66
N THR A 564 17.37 -15.76 -4.57
CA THR A 564 18.68 -16.36 -4.59
C THR A 564 19.72 -15.32 -4.11
N GLY A 565 20.99 -15.68 -4.16
CA GLY A 565 22.04 -14.85 -3.59
C GLY A 565 23.10 -15.71 -2.91
N VAL A 566 23.81 -15.12 -1.94
CA VAL A 566 24.80 -15.86 -1.16
C VAL A 566 24.42 -15.74 0.31
N PHE A 567 24.04 -16.87 0.90
CA PHE A 567 23.50 -16.88 2.25
C PHE A 567 24.50 -17.58 3.15
N PHE A 568 24.90 -16.92 4.24
CA PHE A 568 25.93 -17.43 5.16
C PHE A 568 25.29 -17.74 6.52
N TRP A 569 25.06 -19.02 6.79
CA TRP A 569 24.30 -19.42 7.97
C TRP A 569 25.19 -19.97 9.04
N ILE A 570 24.90 -19.64 10.29
CA ILE A 570 25.46 -20.41 11.40
C ILE A 570 24.36 -20.94 12.34
N PHE A 571 24.60 -22.12 12.89
CA PHE A 571 23.63 -22.79 13.76
C PHE A 571 24.27 -23.14 15.09
N ALA A 572 23.43 -23.29 16.10
CA ALA A 572 23.91 -23.56 17.46
C ALA A 572 24.34 -25.02 17.66
N ASN A 573 24.24 -25.84 16.61
CA ASN A 573 24.81 -27.18 16.71
C ASN A 573 26.32 -27.27 16.31
N GLY A 574 26.94 -26.12 16.10
CA GLY A 574 28.34 -26.08 15.75
C GLY A 574 28.59 -26.27 14.27
N SER A 575 27.72 -25.70 13.43
CA SER A 575 27.87 -25.87 11.98
C SER A 575 27.57 -24.63 11.16
N TYR A 576 27.87 -24.70 9.87
CA TYR A 576 27.68 -23.59 8.97
C TYR A 576 27.42 -24.11 7.56
N ARG A 577 26.67 -23.34 6.81
CA ARG A 577 26.33 -23.72 5.47
C ARG A 577 26.41 -22.41 4.71
N VAL A 578 26.78 -22.50 3.44
CA VAL A 578 26.65 -21.36 2.54
C VAL A 578 25.73 -21.83 1.44
N THR A 579 24.60 -21.16 1.28
CA THR A 579 23.67 -21.60 0.26
C THR A 579 23.48 -20.54 -0.85
N ALA A 580 23.00 -21.00 -2.01
CA ALA A 580 22.71 -20.11 -3.12
C ALA A 580 21.30 -19.53 -3.02
N ASP A 581 20.48 -20.10 -2.15
CA ASP A 581 19.06 -19.75 -2.06
C ASP A 581 18.60 -19.67 -0.62
N LEU A 582 17.60 -18.84 -0.38
CA LEU A 582 17.02 -18.72 0.95
C LEU A 582 16.41 -20.04 1.46
N GLY A 583 15.86 -20.85 0.54
CA GLY A 583 15.22 -22.10 0.92
C GLY A 583 16.22 -23.16 1.37
N GLY A 584 17.51 -22.84 1.25
CA GLY A 584 18.57 -23.75 1.66
C GLY A 584 18.81 -25.02 0.83
N TRP A 585 18.24 -25.09 -0.36
CA TRP A 585 18.34 -26.31 -1.15
C TRP A 585 19.70 -26.50 -1.82
N ILE A 586 20.37 -25.38 -2.08
CA ILE A 586 21.59 -25.40 -2.88
C ILE A 586 22.79 -24.96 -2.05
N THR A 587 23.79 -25.83 -1.96
CA THR A 587 24.95 -25.65 -1.09
C THR A 587 26.23 -25.17 -1.84
N TYR A 588 26.87 -24.11 -1.37
CA TYR A 588 28.11 -23.61 -1.94
C TYR A 588 29.30 -24.14 -1.14
N ALA A 589 29.13 -24.13 0.18
CA ALA A 589 30.07 -24.73 1.10
C ALA A 589 29.30 -25.03 2.39
N SER A 590 29.83 -25.96 3.19
CA SER A 590 29.26 -26.30 4.47
C SER A 590 30.37 -26.91 5.30
N GLY A 591 30.27 -26.76 6.61
CA GLY A 591 31.29 -27.30 7.49
C GLY A 591 30.94 -27.12 8.94
N HIS A 592 31.93 -27.38 9.81
CA HIS A 592 31.77 -27.28 11.24
C HIS A 592 32.28 -25.93 11.69
N ALA A 593 31.66 -25.38 12.75
CA ALA A 593 32.10 -24.12 13.33
C ALA A 593 31.92 -24.09 14.83
N ASP A 594 32.80 -23.34 15.50
CA ASP A 594 32.72 -23.11 16.92
C ASP A 594 31.60 -22.13 17.23
N VAL A 595 30.38 -22.62 17.13
CA VAL A 595 29.23 -21.79 17.32
C VAL A 595 28.25 -22.50 18.24
N THR A 596 27.74 -21.74 19.21
CA THR A 596 26.73 -22.22 20.12
C THR A 596 25.60 -21.19 20.23
N ALA A 597 24.60 -21.47 21.06
CA ALA A 597 23.50 -20.53 21.29
C ALA A 597 23.79 -19.56 22.45
N LYS A 598 23.27 -18.35 22.33
CA LYS A 598 23.33 -17.38 23.40
C LYS A 598 24.72 -16.79 23.54
N ARG A 599 25.46 -16.73 22.43
CA ARG A 599 26.75 -16.07 22.42
C ARG A 599 26.81 -15.13 21.23
N TRP A 600 27.30 -13.92 21.48
CA TRP A 600 27.52 -12.92 20.42
C TRP A 600 28.70 -13.26 19.50
N TYR A 601 28.43 -13.35 18.20
CA TYR A 601 29.42 -13.62 17.18
C TYR A 601 29.35 -12.55 16.11
N THR A 602 30.49 -12.21 15.51
CA THR A 602 30.51 -11.25 14.41
C THR A 602 30.65 -11.99 13.09
N LEU A 603 29.66 -11.82 12.21
CA LEU A 603 29.76 -12.43 10.91
C LEU A 603 30.23 -11.45 9.84
N THR A 604 31.13 -11.90 8.98
CA THR A 604 31.47 -11.14 7.79
C THR A 604 31.23 -11.99 6.54
N LEU A 605 30.60 -11.39 5.53
CA LEU A 605 30.39 -12.01 4.23
C LEU A 605 30.90 -11.08 3.12
N GLY A 606 31.84 -11.59 2.33
CA GLY A 606 32.41 -10.82 1.24
C GLY A 606 32.19 -11.48 -0.12
N ILE A 607 31.63 -10.73 -1.06
CA ILE A 607 31.34 -11.30 -2.36
C ILE A 607 31.90 -10.40 -3.46
N LYS A 608 32.86 -10.92 -4.23
CA LYS A 608 33.43 -10.18 -5.35
C LYS A 608 33.44 -11.10 -6.58
N GLY A 609 32.73 -10.68 -7.64
CA GLY A 609 32.58 -11.49 -8.83
C GLY A 609 32.20 -12.93 -8.51
N TYR A 610 33.07 -13.86 -8.92
CA TYR A 610 32.80 -15.30 -8.84
C TYR A 610 33.00 -15.94 -7.48
N PHE A 611 33.52 -15.17 -6.52
CA PHE A 611 34.00 -15.74 -5.27
C PHE A 611 33.50 -15.06 -4.02
N ALA A 612 33.28 -15.87 -2.98
CA ALA A 612 32.88 -15.36 -1.69
C ALA A 612 33.76 -15.92 -0.58
N PHE A 613 33.70 -15.28 0.57
CA PHE A 613 34.35 -15.78 1.77
C PHE A 613 33.50 -15.38 2.99
N GLY A 614 33.60 -16.16 4.06
CA GLY A 614 32.99 -15.79 5.32
C GLY A 614 34.03 -15.76 6.43
N MET A 615 33.87 -14.80 7.35
CA MET A 615 34.68 -14.78 8.57
C MET A 615 33.78 -14.94 9.80
N LEU A 616 34.20 -15.78 10.73
CA LEU A 616 33.62 -15.81 12.06
C LEU A 616 34.57 -15.02 12.96
N ASN A 617 34.06 -13.96 13.60
CA ASN A 617 34.89 -13.18 14.52
C ASN A 617 36.24 -12.72 13.93
N GLY A 618 36.22 -12.16 12.73
CA GLY A 618 37.42 -11.58 12.14
C GLY A 618 38.41 -12.60 11.60
N THR A 619 38.09 -13.87 11.81
CA THR A 619 38.97 -14.94 11.35
C THR A 619 38.29 -15.77 10.28
N ILE A 620 38.99 -16.01 9.17
CA ILE A 620 38.42 -16.71 8.02
C ILE A 620 37.84 -18.07 8.39
N LEU A 621 36.63 -18.33 7.89
CA LEU A 621 35.99 -19.63 8.06
C LEU A 621 35.99 -20.40 6.73
N TRP A 622 35.81 -19.66 5.64
CA TRP A 622 35.83 -20.22 4.29
C TRP A 622 36.20 -19.10 3.28
N LYS A 623 37.00 -19.44 2.27
CA LYS A 623 37.60 -18.44 1.38
C LYS A 623 37.39 -18.93 -0.03
N ASN A 624 37.43 -18.03 -1.00
CA ASN A 624 37.32 -18.42 -2.41
C ASN A 624 36.34 -19.57 -2.69
N VAL A 625 35.12 -19.48 -2.16
CA VAL A 625 34.06 -20.42 -2.54
C VAL A 625 33.40 -19.86 -3.80
N ARG A 626 33.24 -20.71 -4.81
CA ARG A 626 32.70 -20.24 -6.07
C ARG A 626 31.19 -20.02 -5.94
N VAL A 627 30.71 -18.91 -6.51
CA VAL A 627 29.29 -18.55 -6.49
C VAL A 627 28.79 -18.06 -7.87
N LYS A 628 27.49 -18.18 -8.15
CA LYS A 628 26.97 -17.76 -9.47
C LYS A 628 27.32 -16.29 -9.71
N TYR A 629 27.68 -15.97 -10.95
CA TYR A 629 28.03 -14.61 -11.34
C TYR A 629 27.93 -14.50 -12.85
N PRO A 630 27.44 -13.36 -13.35
CA PRO A 630 27.03 -12.25 -12.46
C PRO A 630 25.74 -12.53 -11.68
N GLY A 631 25.55 -11.75 -10.63
CA GLY A 631 24.36 -11.80 -9.80
C GLY A 631 24.37 -10.51 -9.02
N HIS A 632 23.20 -10.04 -8.62
CA HIS A 632 23.12 -8.83 -7.85
C HIS A 632 21.88 -8.87 -7.01
N GLY A 633 21.85 -8.04 -5.97
CA GLY A 633 20.68 -7.96 -5.11
C GLY A 633 21.03 -7.31 -3.80
N TRP A 634 20.05 -7.24 -2.90
CA TRP A 634 20.24 -6.61 -1.61
C TRP A 634 21.15 -7.37 -0.67
N ALA A 635 21.47 -6.71 0.44
CA ALA A 635 22.00 -7.37 1.63
C ALA A 635 20.83 -7.80 2.50
N ALA A 636 21.09 -8.64 3.47
CA ALA A 636 20.03 -9.16 4.31
C ALA A 636 20.55 -9.82 5.58
N ILE A 637 19.71 -9.82 6.60
CA ILE A 637 19.91 -10.58 7.83
C ILE A 637 18.66 -11.43 8.05
N GLY A 638 18.77 -12.49 8.86
CA GLY A 638 17.62 -13.33 9.17
C GLY A 638 17.87 -14.52 10.08
N THR A 639 16.87 -15.40 10.16
CA THR A 639 16.91 -16.52 11.09
C THR A 639 16.39 -17.81 10.43
N HIS A 640 16.80 -18.95 10.95
CA HIS A 640 16.53 -20.20 10.26
C HIS A 640 15.03 -20.55 10.26
N THR A 641 14.36 -20.34 11.38
CA THR A 641 12.93 -20.50 11.42
C THR A 641 12.29 -19.25 12.03
N PHE A 642 11.04 -19.34 12.43
CA PHE A 642 10.44 -18.26 13.20
C PHE A 642 10.93 -18.43 14.64
N GLU A 643 12.08 -17.80 14.92
CA GLU A 643 12.75 -17.92 16.21
C GLU A 643 13.39 -16.60 16.64
N PHE A 644 13.41 -16.35 17.94
CA PHE A 644 14.06 -15.14 18.47
C PHE A 644 15.56 -15.16 18.13
N ALA A 645 16.09 -14.00 17.77
CA ALA A 645 17.49 -13.84 17.45
C ALA A 645 17.75 -12.35 17.47
N GLN A 646 19.00 -11.96 17.64
CA GLN A 646 19.32 -10.54 17.63
C GLN A 646 20.48 -10.20 16.70
N PHE A 647 20.49 -8.95 16.29
CA PHE A 647 21.52 -8.45 15.41
C PHE A 647 21.94 -7.10 15.96
N ASP A 648 23.18 -6.70 15.66
CA ASP A 648 23.78 -5.53 16.27
C ASP A 648 24.98 -5.06 15.45
N ASN A 649 25.20 -3.75 15.41
CA ASN A 649 26.33 -3.17 14.70
C ASN A 649 26.37 -3.64 13.26
N PHE A 650 25.29 -3.38 12.55
CA PHE A 650 25.19 -3.78 11.15
C PHE A 650 25.97 -2.86 10.24
N ARG A 651 26.74 -3.43 9.33
CA ARG A 651 27.38 -2.61 8.29
C ARG A 651 27.48 -3.27 6.92
N VAL A 652 27.52 -2.42 5.90
CA VAL A 652 27.65 -2.90 4.56
C VAL A 652 28.45 -1.93 3.71
N GLU A 653 29.36 -2.50 2.94
CA GLU A 653 30.21 -1.75 2.05
C GLU A 653 29.94 -2.35 0.69
N ALA A 654 29.43 -1.56 -0.24
CA ALA A 654 29.07 -2.14 -1.53
C ALA A 654 29.53 -1.35 -2.75
N ALA A 655 29.66 -2.10 -3.85
CA ALA A 655 29.96 -1.54 -5.15
C ALA A 655 28.80 -1.85 -6.09
N ARG A 656 28.26 -0.82 -6.72
CA ARG A 656 27.07 -0.99 -7.55
C ARG A 656 27.42 -1.20 -9.01
C1 NAG B . -20.51 26.03 -3.25
C2 NAG B . -21.78 26.68 -2.67
C3 NAG B . -21.57 27.38 -1.31
C4 NAG B . -20.78 26.44 -0.40
C5 NAG B . -19.43 26.09 -1.03
C6 NAG B . -18.66 25.10 -0.15
C7 NAG B . -21.65 28.11 -4.66
C8 NAG B . -22.00 27.63 -6.04
N2 NAG B . -22.35 27.60 -3.64
O3 NAG B . -22.83 27.64 -0.73
O4 NAG B . -20.70 26.83 0.98
O5 NAG B . -19.57 25.50 -2.32
O6 NAG B . -19.34 23.86 -0.13
O7 NAG B . -20.75 28.94 -4.50
C1 NAG B . -20.12 28.12 1.32
C2 NAG B . -20.12 28.20 2.85
C3 NAG B . -19.24 29.32 3.41
C4 NAG B . -17.86 29.21 2.79
C5 NAG B . -18.00 29.32 1.29
C6 NAG B . -16.64 29.21 0.61
C7 NAG B . -22.12 27.27 3.93
C8 NAG B . -23.48 27.56 4.51
N2 NAG B . -21.49 28.30 3.35
O3 NAG B . -19.12 29.28 4.82
O4 NAG B . -17.01 30.21 3.33
O5 NAG B . -18.82 28.29 0.77
O6 NAG B . -16.07 27.96 0.95
O7 NAG B . -21.64 26.15 4.01
C1 NAG C . 32.96 -6.84 -9.07
C2 NAG C . 33.05 -5.70 -10.08
C3 NAG C . 33.48 -6.18 -11.47
C4 NAG C . 34.66 -7.16 -11.43
C5 NAG C . 34.41 -8.25 -10.37
C6 NAG C . 35.63 -9.15 -10.20
C7 NAG C . 31.55 -3.75 -9.72
C8 NAG C . 30.54 -2.92 -10.47
N2 NAG C . 31.78 -4.99 -10.17
O3 NAG C . 33.82 -5.07 -12.27
O4 NAG C . 34.89 -7.70 -12.74
O5 NAG C . 34.11 -7.68 -9.11
O6 NAG C . 36.68 -8.41 -9.64
O7 NAG C . 32.11 -3.26 -8.74
C1 NAG C . 36.26 -7.49 -13.18
C2 NAG C . 36.67 -8.57 -14.17
C3 NAG C . 38.14 -8.43 -14.58
C4 NAG C . 38.55 -6.98 -14.95
C5 NAG C . 37.92 -6.03 -13.92
C6 NAG C . 38.27 -4.57 -14.21
C7 NAG C . 35.38 -10.64 -13.98
C8 NAG C . 35.31 -12.02 -13.37
N2 NAG C . 36.40 -9.88 -13.59
O3 NAG C . 38.39 -9.32 -15.66
O4 NAG C . 39.96 -6.73 -14.93
O5 NAG C . 36.52 -6.24 -13.79
O6 NAG C . 37.11 -3.79 -14.38
O7 NAG C . 34.50 -10.28 -14.77
C1 BMA C . 40.83 -7.06 -16.07
C2 BMA C . 40.11 -7.11 -17.43
C3 BMA C . 41.09 -7.53 -18.52
C4 BMA C . 42.25 -6.54 -18.54
C5 BMA C . 42.93 -6.56 -17.17
C6 BMA C . 44.19 -5.67 -17.11
O2 BMA C . 39.56 -5.85 -17.75
O3 BMA C . 40.45 -7.59 -19.78
O4 BMA C . 43.16 -6.83 -19.59
O5 BMA C . 41.98 -6.21 -16.17
O6 BMA C . 43.91 -4.33 -17.44
C1 NAG D . -26.25 1.40 -12.73
C2 NAG D . -27.67 1.82 -12.39
C3 NAG D . -28.69 1.75 -13.54
C4 NAG D . -28.09 2.24 -14.86
C5 NAG D . -26.76 1.51 -15.05
C6 NAG D . -26.08 1.84 -16.37
C7 NAG D . -28.43 1.38 -10.11
C8 NAG D . -28.16 2.82 -9.76
N2 NAG D . -28.12 0.94 -11.32
O3 NAG D . -29.84 2.52 -13.23
O4 NAG D . -28.98 2.04 -15.95
O5 NAG D . -25.85 1.84 -14.00
O6 NAG D . -24.70 1.61 -16.24
O7 NAG D . -28.93 0.62 -9.28
C1 NAG E . -11.03 4.84 -35.16
C2 NAG E . -10.29 4.31 -36.39
C3 NAG E . -9.94 5.41 -37.40
C4 NAG E . -11.15 6.30 -37.73
C5 NAG E . -11.82 6.76 -36.43
C6 NAG E . -13.08 7.61 -36.70
C7 NAG E . -9.10 2.22 -35.86
C8 NAG E . -7.76 1.54 -35.78
N2 NAG E . -9.09 3.55 -36.00
O3 NAG E . -9.45 4.81 -38.59
O4 NAG E . -10.80 7.42 -38.53
O5 NAG E . -12.13 5.63 -35.62
O6 NAG E . -14.16 6.85 -37.20
O7 NAG E . -10.14 1.56 -35.79
C1 GAL F . -4.13 -7.18 -4.57
C2 GAL F . -3.64 -7.10 -3.11
C3 GAL F . -2.54 -6.04 -2.91
C4 GAL F . -1.50 -6.09 -4.03
C5 GAL F . -2.20 -5.96 -5.38
C6 GAL F . -1.16 -6.03 -6.50
O1 GAL F . -4.71 -8.44 -4.81
O2 GAL F . -4.75 -6.89 -2.23
O3 GAL F . -1.88 -6.18 -1.65
O4 GAL F . -0.75 -7.28 -3.97
O5 GAL F . -3.09 -7.03 -5.55
O6 GAL F . -1.74 -5.94 -7.79
CA CA G . 24.07 -1.82 20.10
#